data_3J7T
#
_entry.id   3J7T
#
_cell.length_a   166.300
_cell.length_b   64.402
_cell.length_c   147.316
_cell.angle_alpha   90.00
_cell.angle_beta   98.30
_cell.angle_gamma   90.00
#
_symmetry.space_group_name_H-M   'C 1 2 1'
#
loop_
_entity.id
_entity.type
_entity.pdbx_description
1 polymer 'Sarcoplasmic/endoplasmic reticulum calcium ATPase 1'
2 non-polymer 'CALCIUM ION'
3 non-polymer 'SODIUM ION'
4 water water
#
_entity_poly.entity_id   1
_entity_poly.type   'polypeptide(L)'
_entity_poly.pdbx_seq_one_letter_code
;MEAAHSKSTEECLAYFGVSETTGLTPDQVKRHLEKYGHNELPAEEGKSLWELVIEQFEDLLVRILLLAACISFVLAWFEE
GEETITAFVEPFVILLILIANAIVGVWQERNAENAIEALKEYEPEMGKVYRADRKSVQRIKARDIVPGDIVEVAVGDKVP
ADIRILSIKSTTLRVDQSILTGESVSVIKHTEPVPDPRAVNQDKKNMLFSGTNIAAGKALGIVATTGVSTEIGKIRDQMA
ATEQDKTPLQQKLDEFGEQLSKVISLICVAVWLINIGHFNDPVHGGSWIRGAIYYFKIAVALAVAAIPEGLPAVITTCLA
LGTRRMAKKNAIVRSLPSVETLGCTSVICSDKTGTLTTNQMSVCKMFIIDKVDGDFCSLNEFSITGSTYAPEGEVLKNDK
PIRSGQFDGLVELATICALCNDSSLDFNETKGVYEKVGEATETALTTLVEKMNVFNTEVRNLSKVERANACNSVIRQLMK
KEFTLEFSRDRKSMSVYCSPAKSSRAAVGNKMFVKGAPEGVIDRCNYVRVGTTRVPMTGPVKEKILSVIKEWGTGRDTLR
CLALATRDTPPKREEMVLDDSSRFMEYETDLTFVGVVGMLDPPRKEVMGSIQLCRDAGIRVIMITGDNKGTAIAICRRIG
IFGENEEVADRAYTGREFDDLPLAEQREACRRACCFARVEPSHKSKIVEYLQSYDEITAMTGDGVNDAPALKKAEIGIAM
GSGTAVAKTASEMVLADDNFSTIVAAVEEGRAIYNNMKQFIRYLISSNVGEVVCIFLTAALGLPEALIPVQLLWVNLVTD
GLPATALGFNPPDLDIMDRPPRSPKEPLISGWLFFRYMAIGGYVGAATVGAAAWWFMYAEDGPGVTYHQLTHFMQCTEDH
PHFEGLDCEIFEAPEPMTMALSVLVTIEMCNALNSLSENQSLMRMPPWVNIWLLGSICLSMSLHFLILYVDPLPMIFKLK
ALDLTQWLMVLKISLPVIGLDEILKFIARNYLEG
;
_entity_poly.pdbx_strand_id   A
#
loop_
_chem_comp.id
_chem_comp.type
_chem_comp.name
_chem_comp.formula
CA non-polymer 'CALCIUM ION' 'Ca 2'
NA non-polymer 'SODIUM ION' 'Na 1'
#
# COMPACT_ATOMS: atom_id res chain seq x y z
N MET A 1 -32.61 9.50 21.91
CA MET A 1 -32.30 10.02 23.28
C MET A 1 -31.35 11.22 23.21
N GLU A 2 -31.92 12.43 23.29
CA GLU A 2 -31.14 13.66 23.21
C GLU A 2 -30.82 14.16 24.61
N ALA A 3 -29.82 15.05 24.69
CA ALA A 3 -29.44 15.70 25.92
C ALA A 3 -29.72 14.81 27.13
N ALA A 4 -28.98 13.71 27.20
CA ALA A 4 -29.07 12.78 28.33
C ALA A 4 -28.33 13.31 29.56
N HIS A 5 -27.72 14.49 29.42
CA HIS A 5 -27.02 15.17 30.53
C HIS A 5 -27.97 15.64 31.63
N SER A 6 -29.15 16.12 31.24
CA SER A 6 -30.19 16.49 32.20
C SER A 6 -30.68 15.30 33.04
N LYS A 7 -30.17 14.10 32.77
CA LYS A 7 -30.73 12.88 33.32
C LYS A 7 -29.64 12.02 33.94
N SER A 8 -29.96 11.40 35.08
CA SER A 8 -28.96 10.71 35.88
C SER A 8 -28.74 9.26 35.40
N THR A 9 -28.07 8.44 36.22
CA THR A 9 -27.74 7.07 35.82
C THR A 9 -28.92 6.07 35.77
N GLU A 10 -30.10 6.49 36.20
CA GLU A 10 -31.29 5.61 36.18
C GLU A 10 -32.26 5.98 35.06
N GLU A 11 -32.68 7.23 35.05
CA GLU A 11 -33.60 7.72 34.02
C GLU A 11 -32.98 7.56 32.62
N CYS A 12 -31.64 7.52 32.55
CA CYS A 12 -30.94 7.31 31.29
C CYS A 12 -31.07 5.87 30.80
N LEU A 13 -30.47 4.93 31.52
CA LEU A 13 -30.46 3.53 31.08
C LEU A 13 -31.85 3.08 30.64
N ALA A 14 -32.85 3.37 31.46
CA ALA A 14 -34.20 2.86 31.25
C ALA A 14 -34.87 3.33 29.95
N TYR A 15 -34.39 4.46 29.42
CA TYR A 15 -34.89 5.05 28.16
C TYR A 15 -35.04 3.96 27.09
N PHE A 16 -33.92 3.29 26.78
CA PHE A 16 -33.89 2.21 25.81
C PHE A 16 -34.22 0.86 26.47
N GLY A 17 -34.93 0.87 27.61
CA GLY A 17 -35.26 -0.34 28.38
C GLY A 17 -34.17 -1.37 28.54
N VAL A 18 -32.96 -0.91 28.85
CA VAL A 18 -31.76 -1.75 28.82
C VAL A 18 -30.87 -1.51 30.04
N SER A 19 -30.34 -2.60 30.59
CA SER A 19 -29.47 -2.57 31.78
C SER A 19 -27.99 -2.56 31.40
N GLU A 20 -27.25 -1.59 31.93
CA GLU A 20 -25.83 -1.39 31.61
C GLU A 20 -25.03 -2.70 31.52
N THR A 21 -25.25 -3.60 32.48
CA THR A 21 -24.55 -4.89 32.55
C THR A 21 -25.23 -5.95 31.67
N THR A 22 -25.52 -5.59 30.43
CA THR A 22 -26.15 -6.48 29.46
C THR A 22 -26.17 -5.84 28.07
N GLY A 23 -26.74 -4.64 27.97
CA GLY A 23 -26.73 -3.87 26.73
C GLY A 23 -27.95 -4.06 25.86
N LEU A 24 -27.76 -4.02 24.54
CA LEU A 24 -28.83 -4.09 23.55
C LEU A 24 -28.83 -5.40 22.78
N THR A 25 -30.01 -5.80 22.33
CA THR A 25 -30.22 -7.05 21.60
C THR A 25 -29.93 -6.86 20.11
N PRO A 26 -29.63 -7.97 19.39
CA PRO A 26 -29.26 -7.89 17.97
C PRO A 26 -30.38 -7.33 17.12
N ASP A 27 -31.63 -7.65 17.52
CA ASP A 27 -32.83 -7.15 16.86
C ASP A 27 -32.95 -5.64 17.06
N GLN A 28 -32.71 -5.18 18.28
CA GLN A 28 -32.63 -3.75 18.56
C GLN A 28 -31.50 -3.08 17.77
N VAL A 29 -30.31 -3.71 17.76
CA VAL A 29 -29.17 -3.13 17.04
C VAL A 29 -29.54 -2.85 15.59
N LYS A 30 -30.33 -3.76 15.02
CA LYS A 30 -30.95 -3.55 13.70
C LYS A 30 -31.74 -2.24 13.67
N ARG A 31 -32.74 -2.15 14.54
CA ARG A 31 -33.70 -1.06 14.49
C ARG A 31 -33.02 0.29 14.61
N HIS A 32 -32.07 0.43 15.53
CA HIS A 32 -31.37 1.70 15.70
C HIS A 32 -30.41 2.00 14.54
N LEU A 33 -29.81 0.95 13.96
CA LEU A 33 -29.01 1.09 12.75
C LEU A 33 -29.87 1.58 11.60
N GLU A 34 -31.13 1.17 11.59
CA GLU A 34 -32.09 1.55 10.57
C GLU A 34 -32.68 2.97 10.79
N LYS A 35 -32.91 3.35 12.05
CA LYS A 35 -33.63 4.59 12.36
C LYS A 35 -32.72 5.79 12.59
N TYR A 36 -31.45 5.54 12.88
CA TYR A 36 -30.48 6.60 13.14
C TYR A 36 -29.28 6.54 12.16
N GLY A 37 -29.40 5.69 11.14
CA GLY A 37 -28.37 5.51 10.12
C GLY A 37 -27.09 5.01 10.77
N HIS A 38 -25.97 5.60 10.38
CA HIS A 38 -24.67 5.28 10.96
C HIS A 38 -24.12 6.46 11.75
N ASN A 39 -23.08 6.20 12.54
CA ASN A 39 -22.42 7.22 13.33
C ASN A 39 -21.30 7.90 12.53
N GLU A 40 -21.69 8.59 11.46
CA GLU A 40 -20.76 9.23 10.53
C GLU A 40 -21.42 10.45 9.90
N LEU A 41 -20.67 11.16 9.05
CA LEU A 41 -21.19 12.33 8.34
C LEU A 41 -21.85 11.90 7.01
N PRO A 42 -22.60 12.81 6.37
CA PRO A 42 -23.26 12.49 5.10
C PRO A 42 -22.30 12.21 3.93
N ALA A 43 -22.86 11.65 2.85
CA ALA A 43 -22.08 11.33 1.64
C ALA A 43 -21.92 12.55 0.73
N GLU A 44 -20.69 13.04 0.61
CA GLU A 44 -20.40 14.23 -0.20
C GLU A 44 -20.36 13.88 -1.69
N GLU A 45 -20.88 14.77 -2.51
CA GLU A 45 -20.97 14.55 -3.95
C GLU A 45 -19.62 14.76 -4.62
N GLY A 46 -19.14 13.74 -5.33
CA GLY A 46 -17.83 13.79 -6.00
C GLY A 46 -17.87 14.34 -7.41
N LYS A 47 -18.81 15.23 -7.69
CA LYS A 47 -19.00 15.83 -9.01
C LYS A 47 -17.72 16.59 -9.41
N SER A 48 -16.99 16.04 -10.38
CA SER A 48 -15.73 16.62 -10.83
C SER A 48 -15.94 17.75 -11.84
N LEU A 49 -14.82 18.36 -12.24
CA LEU A 49 -14.81 19.43 -13.24
C LEU A 49 -14.81 18.81 -14.66
N TRP A 50 -14.30 17.58 -14.75
CA TRP A 50 -14.35 16.75 -15.96
C TRP A 50 -15.77 16.25 -16.23
N GLU A 51 -16.49 15.89 -15.16
CA GLU A 51 -17.88 15.43 -15.23
C GLU A 51 -18.82 16.47 -15.86
N LEU A 52 -18.47 17.75 -15.69
CA LEU A 52 -19.25 18.85 -16.24
C LEU A 52 -18.93 19.11 -17.71
N VAL A 53 -17.63 19.14 -18.02
CA VAL A 53 -17.13 19.62 -19.31
C VAL A 53 -16.82 18.49 -20.31
N ILE A 54 -16.70 17.25 -19.83
CA ILE A 54 -16.35 16.11 -20.69
C ILE A 54 -17.38 14.99 -20.65
N GLU A 55 -17.68 14.47 -19.46
CA GLU A 55 -18.61 13.33 -19.34
C GLU A 55 -19.97 13.70 -19.88
N GLN A 56 -20.56 14.75 -19.31
CA GLN A 56 -21.84 15.24 -19.79
C GLN A 56 -21.73 15.87 -21.18
N PHE A 57 -20.57 16.44 -21.51
CA PHE A 57 -20.37 16.99 -22.86
C PHE A 57 -20.58 15.90 -23.90
N GLU A 58 -20.00 14.74 -23.64
CA GLU A 58 -20.24 13.59 -24.49
C GLU A 58 -21.74 13.30 -24.49
N ASP A 59 -22.33 13.25 -23.30
CA ASP A 59 -23.78 13.02 -23.14
C ASP A 59 -24.64 14.06 -23.89
N LEU A 60 -24.05 15.17 -24.34
CA LEU A 60 -24.70 16.04 -25.33
C LEU A 60 -24.34 15.63 -26.76
N LEU A 61 -23.08 15.30 -27.00
CA LEU A 61 -22.61 14.85 -28.32
C LEU A 61 -23.49 13.74 -28.88
N VAL A 62 -23.53 12.61 -28.17
CA VAL A 62 -24.32 11.45 -28.54
C VAL A 62 -25.81 11.75 -28.86
N ARG A 63 -26.35 12.83 -28.31
CA ARG A 63 -27.77 13.19 -28.47
C ARG A 63 -28.06 14.13 -29.66
N ILE A 64 -27.29 15.22 -29.77
CA ILE A 64 -27.41 16.10 -30.93
C ILE A 64 -27.03 15.34 -32.21
N LEU A 65 -26.06 14.43 -32.10
CA LEU A 65 -25.70 13.54 -33.21
C LEU A 65 -26.92 12.73 -33.65
N LEU A 66 -27.52 12.05 -32.68
CA LEU A 66 -28.69 11.21 -32.89
C LEU A 66 -29.79 12.07 -33.50
N LEU A 67 -30.03 13.21 -32.86
CA LEU A 67 -30.97 14.21 -33.35
C LEU A 67 -30.78 14.43 -34.84
N ALA A 68 -29.53 14.65 -35.24
CA ALA A 68 -29.18 14.87 -36.64
C ALA A 68 -29.53 13.67 -37.51
N ALA A 69 -29.31 12.47 -36.99
CA ALA A 69 -29.62 11.25 -37.73
C ALA A 69 -31.12 11.13 -38.02
N CYS A 70 -31.96 11.67 -37.13
CA CYS A 70 -33.42 11.75 -37.37
C CYS A 70 -33.84 12.98 -38.18
N ILE A 71 -32.95 13.96 -38.36
CA ILE A 71 -33.20 15.08 -39.28
C ILE A 71 -33.15 14.54 -40.71
N SER A 72 -32.00 13.95 -41.07
CA SER A 72 -31.79 13.35 -42.40
C SER A 72 -32.71 12.15 -42.64
N PHE A 73 -32.96 11.39 -41.59
CA PHE A 73 -33.92 10.28 -41.63
C PHE A 73 -35.26 10.76 -42.16
N VAL A 74 -35.75 11.83 -41.55
CA VAL A 74 -37.07 12.37 -41.87
C VAL A 74 -37.21 12.80 -43.33
N LEU A 75 -36.15 13.41 -43.86
CA LEU A 75 -36.14 13.89 -45.24
C LEU A 75 -36.04 12.74 -46.27
N ALA A 76 -35.62 11.56 -45.81
CA ALA A 76 -35.52 10.38 -46.67
C ALA A 76 -36.84 10.03 -47.30
N TRP A 77 -37.90 10.10 -46.49
CA TRP A 77 -39.27 9.87 -46.94
C TRP A 77 -39.71 10.84 -48.05
N PHE A 78 -39.02 11.98 -48.15
CA PHE A 78 -39.29 13.01 -49.15
C PHE A 78 -38.28 12.98 -50.32
N GLU A 79 -37.56 11.87 -50.46
CA GLU A 79 -36.56 11.72 -51.54
C GLU A 79 -37.20 11.04 -52.76
N GLU A 80 -36.95 11.61 -53.95
CA GLU A 80 -37.60 11.13 -55.17
C GLU A 80 -36.96 9.88 -55.78
N GLY A 81 -35.76 9.53 -55.32
CA GLY A 81 -35.00 8.42 -55.89
C GLY A 81 -35.49 7.04 -55.50
N GLU A 82 -34.56 6.21 -55.01
CA GLU A 82 -34.83 4.79 -54.75
C GLU A 82 -35.03 4.55 -53.26
N GLU A 83 -36.09 3.81 -52.91
CA GLU A 83 -36.36 3.45 -51.53
C GLU A 83 -35.23 2.61 -50.92
N THR A 84 -34.38 3.26 -50.13
CA THR A 84 -33.17 2.63 -49.58
C THR A 84 -33.44 1.70 -48.40
N ILE A 85 -32.39 0.97 -48.01
CA ILE A 85 -32.43 0.11 -46.83
C ILE A 85 -31.38 0.54 -45.79
N THR A 86 -30.14 0.77 -46.23
CA THR A 86 -29.02 1.03 -45.32
C THR A 86 -29.09 2.38 -44.59
N ALA A 87 -29.54 3.43 -45.28
CA ALA A 87 -29.80 4.71 -44.63
C ALA A 87 -30.90 4.53 -43.56
N PHE A 88 -31.99 3.87 -43.96
CA PHE A 88 -33.09 3.52 -43.05
C PHE A 88 -32.59 2.76 -41.81
N VAL A 89 -31.61 1.88 -42.00
CA VAL A 89 -31.02 1.14 -40.88
C VAL A 89 -30.28 2.08 -39.91
N GLU A 90 -29.64 3.11 -40.43
CA GLU A 90 -28.66 3.86 -39.63
C GLU A 90 -29.18 4.28 -38.25
N PRO A 91 -30.23 5.13 -38.18
CA PRO A 91 -30.64 5.64 -36.86
C PRO A 91 -30.92 4.53 -35.84
N PHE A 92 -31.41 3.38 -36.30
CA PHE A 92 -31.62 2.24 -35.41
C PHE A 92 -30.32 1.87 -34.74
N VAL A 93 -29.28 1.69 -35.55
CA VAL A 93 -27.98 1.27 -35.05
C VAL A 93 -27.37 2.39 -34.20
N ILE A 94 -27.49 3.63 -34.67
CA ILE A 94 -27.06 4.81 -33.90
C ILE A 94 -27.43 4.57 -32.43
N LEU A 95 -28.73 4.49 -32.17
CA LEU A 95 -29.25 4.31 -30.83
C LEU A 95 -28.71 3.02 -30.19
N LEU A 96 -28.71 1.95 -30.99
CA LEU A 96 -28.37 0.60 -30.53
C LEU A 96 -26.87 0.38 -30.20
N ILE A 97 -26.00 1.27 -30.69
CA ILE A 97 -24.58 1.21 -30.34
C ILE A 97 -24.25 2.14 -29.16
N LEU A 98 -24.93 3.29 -29.08
CA LEU A 98 -24.77 4.21 -27.96
C LEU A 98 -25.25 3.59 -26.65
N ILE A 99 -26.27 2.75 -26.75
CA ILE A 99 -26.75 1.95 -25.63
C ILE A 99 -25.69 0.94 -25.16
N ALA A 100 -24.91 0.42 -26.11
CA ALA A 100 -23.77 -0.46 -25.82
C ALA A 100 -22.71 0.24 -24.97
N ASN A 101 -22.48 1.53 -25.23
CA ASN A 101 -21.60 2.36 -24.40
C ASN A 101 -22.10 2.35 -22.95
N ALA A 102 -23.41 2.49 -22.78
CA ALA A 102 -24.03 2.48 -21.46
C ALA A 102 -23.95 1.09 -20.78
N ILE A 103 -23.95 0.02 -21.58
CA ILE A 103 -23.70 -1.32 -21.04
C ILE A 103 -22.29 -1.37 -20.48
N VAL A 104 -21.37 -0.57 -21.06
CA VAL A 104 -19.99 -0.49 -20.58
C VAL A 104 -19.80 0.51 -19.42
N GLY A 105 -20.00 1.79 -19.73
CA GLY A 105 -19.74 2.88 -18.78
C GLY A 105 -20.29 2.68 -17.38
N VAL A 106 -21.58 2.33 -17.30
CA VAL A 106 -22.27 2.16 -16.01
C VAL A 106 -21.73 0.90 -15.29
N TRP A 107 -21.34 -0.10 -16.07
CA TRP A 107 -20.81 -1.35 -15.52
C TRP A 107 -19.45 -1.14 -14.86
N GLN A 108 -18.57 -0.38 -15.53
CA GLN A 108 -17.30 0.04 -14.93
C GLN A 108 -17.59 0.73 -13.59
N GLU A 109 -18.59 1.62 -13.60
CA GLU A 109 -18.99 2.38 -12.41
C GLU A 109 -19.48 1.48 -11.27
N ARG A 110 -20.27 0.47 -11.60
CA ARG A 110 -20.80 -0.44 -10.57
C ARG A 110 -19.66 -1.19 -9.86
N ASN A 111 -18.68 -1.67 -10.64
CA ASN A 111 -17.48 -2.25 -10.07
C ASN A 111 -16.72 -1.25 -9.20
N ALA A 112 -16.83 0.04 -9.55
CA ALA A 112 -16.24 1.13 -8.76
C ALA A 112 -16.85 1.15 -7.36
N GLU A 113 -18.17 1.29 -7.29
CA GLU A 113 -18.88 1.28 -6.00
C GLU A 113 -18.80 -0.08 -5.27
N ASN A 114 -18.75 -1.17 -6.02
CA ASN A 114 -18.51 -2.50 -5.43
C ASN A 114 -17.15 -2.58 -4.76
N ALA A 115 -16.15 -1.94 -5.36
CA ALA A 115 -14.80 -1.90 -4.77
C ALA A 115 -14.78 -1.08 -3.47
N ILE A 116 -15.46 0.07 -3.47
CA ILE A 116 -15.55 0.92 -2.27
C ILE A 116 -16.23 0.15 -1.13
N GLU A 117 -17.33 -0.53 -1.45
CA GLU A 117 -17.99 -1.46 -0.52
C GLU A 117 -16.98 -2.47 0.02
N ALA A 118 -16.13 -2.99 -0.84
CA ALA A 118 -15.12 -3.99 -0.46
C ALA A 118 -14.19 -3.46 0.63
N LEU A 119 -13.79 -2.20 0.48
CA LEU A 119 -12.95 -1.54 1.49
C LEU A 119 -13.66 -1.46 2.85
N LYS A 120 -14.98 -1.31 2.85
CA LYS A 120 -15.75 -1.15 4.08
C LYS A 120 -15.64 -2.35 5.03
N GLU A 121 -14.93 -3.41 4.62
CA GLU A 121 -14.61 -4.54 5.51
C GLU A 121 -13.26 -4.38 6.25
N TYR A 122 -12.41 -3.46 5.78
CA TYR A 122 -11.10 -3.22 6.39
C TYR A 122 -11.00 -1.93 7.21
N GLU A 123 -11.98 -1.03 7.08
CA GLU A 123 -11.94 0.28 7.75
C GLU A 123 -11.71 0.10 9.26
N PRO A 124 -10.65 0.74 9.81
CA PRO A 124 -10.18 0.46 11.18
C PRO A 124 -11.23 0.62 12.30
N GLU A 125 -11.28 -0.38 13.19
CA GLU A 125 -12.17 -0.37 14.35
C GLU A 125 -11.43 0.08 15.62
N MET A 126 -12.00 1.06 16.32
CA MET A 126 -11.42 1.61 17.55
C MET A 126 -12.46 1.74 18.67
N GLY A 127 -13.59 1.03 18.53
CA GLY A 127 -14.74 1.20 19.41
C GLY A 127 -15.14 -0.05 20.17
N LYS A 128 -14.76 -0.12 21.44
CA LYS A 128 -15.10 -1.25 22.30
C LYS A 128 -16.41 -0.95 22.98
N VAL A 129 -17.37 -1.85 22.83
CA VAL A 129 -18.71 -1.64 23.34
C VAL A 129 -19.27 -2.93 23.95
N TYR A 130 -20.11 -2.80 24.97
CA TYR A 130 -20.78 -3.96 25.54
C TYR A 130 -22.10 -4.24 24.81
N ARG A 131 -22.25 -5.51 24.38
CA ARG A 131 -23.41 -5.94 23.60
C ARG A 131 -24.00 -7.26 24.14
N ALA A 132 -25.14 -7.66 23.59
CA ALA A 132 -25.85 -8.87 24.04
C ALA A 132 -25.30 -10.17 23.45
N ASP A 133 -24.66 -10.08 22.28
CA ASP A 133 -24.18 -11.27 21.59
C ASP A 133 -23.15 -11.99 22.46
N ARG A 134 -22.04 -11.31 22.75
CA ARG A 134 -20.99 -11.86 23.63
C ARG A 134 -21.16 -11.33 25.05
N LYS A 135 -20.81 -12.17 26.04
CA LYS A 135 -20.79 -11.74 27.45
C LYS A 135 -19.48 -11.02 27.76
N SER A 136 -19.07 -10.16 26.84
CA SER A 136 -17.83 -9.40 26.97
C SER A 136 -17.80 -8.32 25.89
N VAL A 137 -16.95 -7.33 26.09
CA VAL A 137 -16.85 -6.18 25.20
C VAL A 137 -16.43 -6.62 23.79
N GLN A 138 -16.97 -5.96 22.78
CA GLN A 138 -16.74 -6.35 21.38
C GLN A 138 -16.18 -5.18 20.57
N ARG A 139 -15.34 -5.51 19.59
CA ARG A 139 -14.82 -4.52 18.64
C ARG A 139 -15.88 -4.28 17.55
N ILE A 140 -15.89 -3.08 16.96
CA ILE A 140 -16.91 -2.68 16.01
C ILE A 140 -16.50 -1.37 15.32
N LYS A 141 -16.94 -1.14 14.07
CA LYS A 141 -16.60 0.08 13.34
C LYS A 141 -17.23 1.25 14.08
N ALA A 142 -16.56 2.40 14.11
CA ALA A 142 -17.07 3.56 14.83
C ALA A 142 -18.42 4.00 14.29
N ARG A 143 -18.51 4.09 12.97
CA ARG A 143 -19.78 4.36 12.30
C ARG A 143 -20.87 3.35 12.70
N ASP A 144 -20.50 2.08 12.76
CA ASP A 144 -21.45 0.98 13.06
C ASP A 144 -21.99 0.96 14.50
N ILE A 145 -21.34 1.70 15.40
CA ILE A 145 -21.78 1.78 16.79
C ILE A 145 -23.06 2.63 16.89
N VAL A 146 -24.19 1.95 16.95
CA VAL A 146 -25.50 2.61 17.10
C VAL A 146 -25.58 3.42 18.40
N PRO A 147 -26.57 4.33 18.49
CA PRO A 147 -26.73 5.04 19.75
C PRO A 147 -27.57 4.24 20.74
N GLY A 148 -26.94 3.78 21.82
CA GLY A 148 -27.62 3.06 22.89
C GLY A 148 -26.70 2.14 23.64
N ASP A 149 -25.72 1.56 22.93
CA ASP A 149 -24.81 0.58 23.51
C ASP A 149 -23.75 1.16 24.46
N ILE A 150 -23.38 0.34 25.43
CA ILE A 150 -22.56 0.76 26.54
C ILE A 150 -21.10 0.88 26.09
N VAL A 151 -20.75 2.04 25.54
CA VAL A 151 -19.42 2.26 24.98
C VAL A 151 -18.35 2.28 26.08
N GLU A 152 -17.32 1.46 25.89
CA GLU A 152 -16.19 1.36 26.83
C GLU A 152 -15.13 2.37 26.42
N VAL A 153 -14.46 2.97 27.40
CA VAL A 153 -13.60 4.14 27.14
C VAL A 153 -12.39 4.22 28.07
N ALA A 154 -11.19 4.08 27.50
CA ALA A 154 -9.95 3.94 28.28
C ALA A 154 -8.90 5.04 28.01
N VAL A 155 -7.74 4.88 28.66
CA VAL A 155 -6.59 5.77 28.50
C VAL A 155 -6.26 6.02 27.03
N GLY A 156 -6.46 7.26 26.60
CA GLY A 156 -6.07 7.70 25.27
C GLY A 156 -7.10 7.46 24.19
N ASP A 157 -8.16 6.73 24.52
CA ASP A 157 -9.15 6.35 23.52
C ASP A 157 -9.86 7.58 22.94
N LYS A 158 -10.48 7.37 21.79
CA LYS A 158 -11.23 8.38 21.09
C LYS A 158 -12.67 7.99 21.25
N VAL A 159 -13.50 8.90 21.73
CA VAL A 159 -14.92 8.61 21.94
C VAL A 159 -15.63 8.72 20.60
N PRO A 160 -16.10 7.58 20.06
CA PRO A 160 -16.71 7.60 18.74
C PRO A 160 -18.10 8.28 18.69
N ALA A 161 -18.90 8.07 19.73
CA ALA A 161 -20.27 8.62 19.81
C ALA A 161 -20.53 9.33 21.14
N ASP A 162 -21.59 10.13 21.20
CA ASP A 162 -21.89 10.91 22.40
C ASP A 162 -22.34 10.03 23.57
N ILE A 163 -21.43 9.82 24.51
CA ILE A 163 -21.65 8.93 25.65
C ILE A 163 -22.05 9.73 26.90
N ARG A 164 -23.12 9.32 27.56
CA ARG A 164 -23.49 9.88 28.87
C ARG A 164 -22.67 9.10 29.89
N ILE A 165 -21.86 9.77 30.71
CA ILE A 165 -21.00 9.07 31.67
C ILE A 165 -21.87 8.38 32.75
N LEU A 166 -21.97 7.06 32.64
CA LEU A 166 -22.81 6.26 33.52
C LEU A 166 -22.04 5.83 34.77
N SER A 167 -20.95 5.11 34.55
CA SER A 167 -20.15 4.56 35.64
C SER A 167 -18.65 4.84 35.45
N ILE A 168 -18.10 5.71 36.29
CA ILE A 168 -16.65 5.98 36.33
C ILE A 168 -15.91 4.78 36.92
N LYS A 169 -14.96 4.24 36.16
CA LYS A 169 -14.25 3.01 36.55
C LYS A 169 -12.80 3.22 37.03
N SER A 170 -12.13 4.26 36.53
CA SER A 170 -10.84 4.66 37.10
C SER A 170 -11.07 5.56 38.32
N THR A 171 -10.01 5.80 39.08
CA THR A 171 -10.09 6.67 40.28
C THR A 171 -10.49 8.10 39.93
N THR A 172 -10.07 8.56 38.75
CA THR A 172 -10.48 9.85 38.21
C THR A 172 -11.04 9.66 36.82
N LEU A 173 -11.75 10.67 36.33
CA LEU A 173 -12.22 10.66 34.95
C LEU A 173 -12.10 12.02 34.27
N ARG A 174 -10.97 12.22 33.60
CA ARG A 174 -10.68 13.47 32.93
C ARG A 174 -10.82 13.27 31.42
N VAL A 175 -11.06 14.36 30.69
CA VAL A 175 -11.25 14.31 29.23
C VAL A 175 -10.60 15.52 28.51
N ASP A 176 -9.60 15.25 27.68
CA ASP A 176 -8.99 16.30 26.86
C ASP A 176 -9.96 16.71 25.73
N GLN A 177 -10.65 17.82 25.97
CA GLN A 177 -11.57 18.40 24.98
C GLN A 177 -10.97 19.64 24.30
N SER A 178 -9.67 19.59 24.02
CA SER A 178 -8.98 20.67 23.32
C SER A 178 -9.51 20.83 21.89
N ILE A 179 -9.98 19.73 21.32
CA ILE A 179 -10.53 19.75 19.97
C ILE A 179 -11.79 20.62 19.86
N LEU A 180 -12.58 20.70 20.94
CA LEU A 180 -13.76 21.54 20.96
C LEU A 180 -13.68 22.71 21.95
N THR A 181 -13.91 22.43 23.24
CA THR A 181 -13.98 23.49 24.25
C THR A 181 -12.70 24.36 24.26
N GLY A 182 -11.55 23.72 24.07
CA GLY A 182 -10.29 24.43 23.84
C GLY A 182 -9.47 24.72 25.08
N GLU A 183 -8.57 23.80 25.40
CA GLU A 183 -7.59 23.97 26.49
C GLU A 183 -6.70 22.71 26.58
N SER A 184 -5.38 22.92 26.60
CA SER A 184 -4.42 21.81 26.69
C SER A 184 -4.40 21.14 28.07
N VAL A 185 -5.26 21.61 28.97
CA VAL A 185 -5.51 20.96 30.25
C VAL A 185 -6.83 20.17 30.12
N SER A 186 -6.80 18.89 30.48
CA SER A 186 -8.01 18.05 30.48
C SER A 186 -8.98 18.46 31.60
N VAL A 187 -10.14 17.83 31.65
CA VAL A 187 -11.21 18.25 32.56
C VAL A 187 -11.78 17.08 33.36
N ILE A 188 -12.00 17.28 34.66
CA ILE A 188 -12.62 16.26 35.50
C ILE A 188 -14.11 16.18 35.20
N LYS A 189 -14.60 14.96 34.93
CA LYS A 189 -16.02 14.70 34.70
C LYS A 189 -16.64 14.09 35.96
N HIS A 190 -17.96 13.87 35.92
CA HIS A 190 -18.62 12.99 36.91
C HIS A 190 -19.83 12.28 36.31
N THR A 191 -20.50 11.45 37.12
CA THR A 191 -21.65 10.67 36.66
C THR A 191 -22.93 11.09 37.38
N GLU A 192 -23.48 12.25 37.02
CA GLU A 192 -24.67 12.78 37.70
C GLU A 192 -25.41 13.79 36.81
N PRO A 193 -26.65 14.16 37.18
CA PRO A 193 -27.50 15.00 36.33
C PRO A 193 -27.08 16.46 36.27
N VAL A 194 -27.04 16.99 35.06
CA VAL A 194 -26.78 18.40 34.81
C VAL A 194 -28.14 19.05 34.56
N PRO A 195 -28.74 19.61 35.63
CA PRO A 195 -30.16 19.99 35.60
C PRO A 195 -30.49 21.05 34.54
N ASP A 196 -29.74 22.14 34.49
CA ASP A 196 -30.01 23.19 33.52
C ASP A 196 -29.72 22.66 32.12
N PRO A 197 -30.73 22.68 31.23
CA PRO A 197 -30.58 22.06 29.91
C PRO A 197 -29.74 22.86 28.92
N ARG A 198 -29.88 24.18 28.92
CA ARG A 198 -29.13 25.00 27.98
C ARG A 198 -27.77 25.34 28.58
N ALA A 199 -26.71 24.82 27.97
CA ALA A 199 -25.34 25.12 28.40
C ALA A 199 -24.34 24.73 27.32
N VAL A 200 -23.08 25.10 27.53
CA VAL A 200 -21.98 24.78 26.61
C VAL A 200 -21.27 23.49 27.02
N ASN A 201 -20.60 22.86 26.05
CA ASN A 201 -19.83 21.63 26.27
C ASN A 201 -19.07 21.62 27.59
N GLN A 202 -18.38 22.72 27.88
CA GLN A 202 -17.65 22.91 29.15
C GLN A 202 -18.49 22.48 30.36
N ASP A 203 -19.64 23.13 30.52
CA ASP A 203 -20.50 22.92 31.67
C ASP A 203 -21.14 21.53 31.73
N LYS A 204 -21.11 20.80 30.61
CA LYS A 204 -21.49 19.38 30.63
C LYS A 204 -20.23 18.55 30.90
N LYS A 205 -19.69 18.67 32.12
CA LYS A 205 -18.58 17.81 32.54
C LYS A 205 -19.12 16.54 33.21
N ASN A 206 -20.00 15.85 32.49
CA ASN A 206 -20.52 14.54 32.88
C ASN A 206 -20.77 13.61 31.68
N MET A 207 -20.17 13.95 30.54
CA MET A 207 -20.37 13.20 29.30
C MET A 207 -19.13 13.27 28.42
N LEU A 208 -18.92 12.20 27.66
CA LEU A 208 -17.96 12.21 26.59
C LEU A 208 -18.61 12.85 25.38
N PHE A 209 -17.80 13.46 24.54
CA PHE A 209 -18.29 14.07 23.31
C PHE A 209 -17.57 13.46 22.12
N SER A 210 -18.34 13.09 21.09
CA SER A 210 -17.79 12.43 19.92
C SER A 210 -16.68 13.24 19.24
N GLY A 211 -15.46 12.70 19.26
CA GLY A 211 -14.30 13.34 18.67
C GLY A 211 -13.29 13.87 19.66
N THR A 212 -13.65 13.90 20.94
CA THR A 212 -12.74 14.34 21.99
C THR A 212 -11.80 13.21 22.41
N ASN A 213 -10.68 13.61 23.02
CA ASN A 213 -9.61 12.69 23.38
C ASN A 213 -9.70 12.30 24.86
N ILE A 214 -9.22 11.10 25.21
CA ILE A 214 -9.10 10.70 26.62
C ILE A 214 -7.70 10.99 27.15
N ALA A 215 -7.59 12.00 28.01
CA ALA A 215 -6.32 12.40 28.57
C ALA A 215 -5.83 11.36 29.59
N ALA A 216 -6.79 10.80 30.34
CA ALA A 216 -6.50 9.73 31.30
C ALA A 216 -7.78 9.05 31.75
N GLY A 217 -7.61 7.90 32.41
CA GLY A 217 -8.71 7.22 33.07
C GLY A 217 -9.38 6.16 32.22
N LYS A 218 -10.50 5.65 32.73
CA LYS A 218 -11.31 4.68 32.04
C LYS A 218 -12.69 4.68 32.68
N ALA A 219 -13.74 4.66 31.84
CA ALA A 219 -15.12 4.68 32.30
C ALA A 219 -16.03 3.77 31.45
N LEU A 220 -17.34 3.92 31.66
CA LEU A 220 -18.33 3.30 30.82
C LEU A 220 -19.48 4.29 30.61
N GLY A 221 -20.47 3.95 29.78
CA GLY A 221 -21.59 4.86 29.56
C GLY A 221 -22.74 4.40 28.67
N ILE A 222 -23.41 5.36 28.05
CA ILE A 222 -24.51 5.10 27.12
C ILE A 222 -24.53 6.18 26.04
N VAL A 223 -24.80 5.78 24.80
CA VAL A 223 -24.73 6.70 23.66
C VAL A 223 -26.01 7.51 23.52
N ALA A 224 -25.89 8.82 23.69
CA ALA A 224 -27.04 9.70 23.52
C ALA A 224 -27.34 9.94 22.03
N THR A 225 -26.30 10.24 21.25
CA THR A 225 -26.48 10.76 19.90
C THR A 225 -25.37 10.24 18.96
N THR A 226 -25.69 10.10 17.68
CA THR A 226 -24.71 9.65 16.67
C THR A 226 -24.88 10.34 15.32
N GLY A 227 -23.80 10.33 14.53
CA GLY A 227 -23.78 10.97 13.22
C GLY A 227 -23.90 12.48 13.30
N VAL A 228 -24.88 13.02 12.57
CA VAL A 228 -25.17 14.46 12.59
C VAL A 228 -25.69 14.92 13.96
N SER A 229 -26.31 13.99 14.70
CA SER A 229 -26.81 14.26 16.05
C SER A 229 -25.68 14.60 17.04
N THR A 230 -24.44 14.32 16.64
CA THR A 230 -23.24 14.71 17.38
C THR A 230 -23.15 16.22 17.58
N GLU A 231 -22.47 16.65 18.64
CA GLU A 231 -22.25 18.09 18.89
C GLU A 231 -21.24 18.69 17.89
N ILE A 232 -20.10 18.04 17.73
CA ILE A 232 -19.10 18.45 16.74
C ILE A 232 -19.64 18.30 15.32
N GLY A 233 -20.51 17.31 15.13
CA GLY A 233 -21.16 17.10 13.84
C GLY A 233 -21.96 18.30 13.40
N LYS A 234 -22.65 18.93 14.36
CA LYS A 234 -23.40 20.16 14.10
C LYS A 234 -22.48 21.33 13.73
N ILE A 235 -21.26 21.32 14.28
CA ILE A 235 -20.23 22.30 13.88
C ILE A 235 -19.58 21.87 12.56
N ARG A 236 -19.32 20.58 12.42
CA ARG A 236 -18.69 20.05 11.20
C ARG A 236 -19.63 20.08 10.00
N ASP A 237 -20.93 20.27 10.26
CA ASP A 237 -21.93 20.47 9.21
C ASP A 237 -21.61 21.66 8.31
N GLN A 238 -20.94 22.67 8.88
CA GLN A 238 -20.49 23.84 8.13
C GLN A 238 -19.42 23.46 7.11
N MET A 239 -18.47 22.62 7.53
CA MET A 239 -17.34 22.23 6.69
C MET A 239 -17.69 21.17 5.65
N ALA A 240 -18.89 20.60 5.73
CA ALA A 240 -19.29 19.44 4.92
C ALA A 240 -19.45 19.76 3.43
N ALA A 241 -20.57 20.41 3.07
CA ALA A 241 -20.89 20.66 1.67
C ALA A 241 -20.05 21.80 1.10
N THR A 242 -20.15 22.97 1.74
CA THR A 242 -19.44 24.17 1.27
C THR A 242 -17.94 24.09 1.54
N GLU A 243 -17.16 23.87 0.47
CA GLU A 243 -15.71 23.78 0.57
C GLU A 243 -15.04 23.91 -0.79
N GLN A 244 -13.71 23.94 -0.80
CA GLN A 244 -12.91 24.00 -2.01
C GLN A 244 -11.51 23.44 -1.70
N ASP A 245 -11.42 22.12 -1.60
CA ASP A 245 -10.18 21.44 -1.23
C ASP A 245 -9.89 20.28 -2.17
N LYS A 246 -9.69 20.61 -3.44
CA LYS A 246 -9.26 19.61 -4.43
C LYS A 246 -7.77 19.32 -4.30
N THR A 247 -7.40 18.06 -4.51
CA THR A 247 -6.00 17.66 -4.43
C THR A 247 -5.26 18.12 -5.70
N PRO A 248 -3.92 18.13 -5.68
CA PRO A 248 -3.16 18.45 -6.90
C PRO A 248 -3.51 17.62 -8.15
N LEU A 249 -3.53 16.29 -8.08
CA LEU A 249 -4.00 15.48 -9.23
C LEU A 249 -5.42 15.89 -9.67
N GLN A 250 -6.32 16.01 -8.70
CA GLN A 250 -7.69 16.43 -8.99
C GLN A 250 -7.78 17.82 -9.62
N GLN A 251 -6.69 18.60 -9.55
CA GLN A 251 -6.60 19.87 -10.29
C GLN A 251 -5.95 19.70 -11.67
N LYS A 252 -5.10 18.69 -11.80
CA LYS A 252 -4.47 18.39 -13.08
C LYS A 252 -5.52 17.79 -14.00
N LEU A 253 -5.99 16.60 -13.65
CA LEU A 253 -6.97 15.84 -14.44
C LEU A 253 -7.99 16.71 -15.15
N ASP A 254 -8.43 17.76 -14.45
CA ASP A 254 -9.57 18.56 -14.88
C ASP A 254 -9.13 19.78 -15.67
N GLU A 255 -7.98 20.33 -15.32
CA GLU A 255 -7.27 21.27 -16.19
C GLU A 255 -6.77 20.50 -17.42
N PHE A 256 -6.68 19.17 -17.27
CA PHE A 256 -6.36 18.24 -18.34
C PHE A 256 -7.62 17.82 -19.13
N GLY A 257 -8.79 17.84 -18.47
CA GLY A 257 -10.07 17.58 -19.13
C GLY A 257 -10.68 18.80 -19.83
N GLU A 258 -10.54 19.97 -19.22
CA GLU A 258 -11.09 21.21 -19.79
C GLU A 258 -10.30 21.72 -21.00
N GLN A 259 -9.00 21.42 -21.06
CA GLN A 259 -8.19 21.69 -22.26
C GLN A 259 -8.68 20.88 -23.47
N LEU A 260 -9.27 19.71 -23.19
CA LEU A 260 -9.85 18.86 -24.24
C LEU A 260 -11.23 19.35 -24.72
N SER A 261 -11.88 20.20 -23.93
CA SER A 261 -13.06 20.93 -24.42
C SER A 261 -12.68 21.92 -25.51
N LYS A 262 -11.40 22.30 -25.52
CA LYS A 262 -10.84 23.14 -26.58
C LYS A 262 -10.46 22.22 -27.74
N VAL A 263 -9.53 21.29 -27.49
CA VAL A 263 -9.05 20.37 -28.52
C VAL A 263 -10.22 19.74 -29.29
N ILE A 264 -11.07 19.01 -28.58
CA ILE A 264 -12.14 18.22 -29.19
C ILE A 264 -13.09 19.07 -30.04
N SER A 265 -13.76 20.02 -29.41
CA SER A 265 -14.64 20.90 -30.14
C SER A 265 -13.89 21.57 -31.30
N LEU A 266 -12.69 22.10 -31.02
CA LEU A 266 -11.90 22.81 -32.03
C LEU A 266 -11.67 21.95 -33.26
N ILE A 267 -10.89 20.89 -33.08
CA ILE A 267 -10.52 20.00 -34.20
C ILE A 267 -11.75 19.57 -35.00
N CYS A 268 -12.79 19.14 -34.29
CA CYS A 268 -13.97 18.54 -34.91
C CYS A 268 -14.86 19.60 -35.59
N VAL A 269 -15.00 20.77 -34.98
CA VAL A 269 -15.70 21.89 -35.63
C VAL A 269 -14.91 22.28 -36.89
N ALA A 270 -13.59 22.17 -36.82
CA ALA A 270 -12.75 22.38 -38.00
C ALA A 270 -12.92 21.26 -39.03
N VAL A 271 -13.15 20.02 -38.58
CA VAL A 271 -13.47 18.91 -39.51
C VAL A 271 -14.78 19.17 -40.27
N TRP A 272 -15.61 20.09 -39.76
CA TRP A 272 -16.75 20.59 -40.52
C TRP A 272 -16.31 21.69 -41.50
N LEU A 273 -15.56 22.66 -41.00
CA LEU A 273 -15.11 23.78 -41.84
C LEU A 273 -14.22 23.35 -43.00
N ILE A 274 -13.51 22.22 -42.85
CA ILE A 274 -12.67 21.71 -43.93
C ILE A 274 -13.45 21.04 -45.06
N ASN A 275 -14.64 20.53 -44.74
CA ASN A 275 -15.47 19.88 -45.76
C ASN A 275 -16.53 20.85 -46.33
N ILE A 276 -16.30 22.15 -46.20
CA ILE A 276 -17.20 23.14 -46.81
C ILE A 276 -17.29 22.97 -48.32
N GLY A 277 -16.22 22.48 -48.94
CA GLY A 277 -16.21 22.21 -50.37
C GLY A 277 -16.84 20.88 -50.74
N HIS A 278 -17.66 20.34 -49.85
CA HIS A 278 -18.34 19.08 -50.08
C HIS A 278 -19.78 19.18 -49.62
N PHE A 279 -20.36 20.38 -49.70
CA PHE A 279 -21.76 20.60 -49.30
C PHE A 279 -22.74 20.67 -50.47
N ASN A 280 -22.27 20.40 -51.69
CA ASN A 280 -23.13 20.29 -52.87
C ASN A 280 -22.67 19.20 -53.85
N ASP A 281 -22.18 18.08 -53.31
CA ASP A 281 -21.75 16.93 -54.11
C ASP A 281 -22.96 16.03 -54.43
N PRO A 282 -22.86 15.22 -55.51
CA PRO A 282 -23.99 14.37 -55.91
C PRO A 282 -24.27 13.21 -54.94
N VAL A 283 -23.25 12.79 -54.19
CA VAL A 283 -23.43 11.82 -53.10
C VAL A 283 -24.49 12.29 -52.09
N HIS A 284 -24.54 13.61 -51.87
CA HIS A 284 -25.54 14.22 -51.00
C HIS A 284 -26.66 14.87 -51.80
N GLY A 285 -26.81 14.45 -53.06
CA GLY A 285 -27.82 15.00 -53.96
C GLY A 285 -27.63 16.46 -54.37
N GLY A 286 -26.43 17.00 -54.11
CA GLY A 286 -26.15 18.42 -54.34
C GLY A 286 -26.99 19.37 -53.50
N SER A 287 -27.42 18.90 -52.33
CA SER A 287 -28.30 19.66 -51.45
C SER A 287 -27.47 20.36 -50.38
N TRP A 288 -27.68 21.67 -50.23
CA TRP A 288 -26.83 22.50 -49.36
C TRP A 288 -27.16 22.41 -47.86
N ILE A 289 -28.22 21.67 -47.51
CA ILE A 289 -28.57 21.44 -46.10
C ILE A 289 -28.44 19.97 -45.71
N ARG A 290 -28.84 19.06 -46.60
CA ARG A 290 -28.70 17.62 -46.35
C ARG A 290 -27.24 17.18 -46.13
N GLY A 291 -26.30 17.93 -46.69
CA GLY A 291 -24.87 17.64 -46.49
C GLY A 291 -24.37 18.05 -45.12
N ALA A 292 -24.56 19.33 -44.80
CA ALA A 292 -24.08 19.92 -43.54
C ALA A 292 -24.51 19.13 -42.31
N ILE A 293 -25.65 18.45 -42.41
CA ILE A 293 -26.10 17.55 -41.36
C ILE A 293 -25.14 16.35 -41.23
N TYR A 294 -24.68 15.82 -42.36
CA TYR A 294 -23.80 14.64 -42.34
C TYR A 294 -22.43 14.97 -41.77
N TYR A 295 -21.83 16.07 -42.24
CA TYR A 295 -20.54 16.53 -41.73
C TYR A 295 -20.68 17.14 -40.31
N PHE A 296 -21.92 17.26 -39.83
CA PHE A 296 -22.17 17.41 -38.41
C PHE A 296 -21.91 16.08 -37.68
N LYS A 297 -22.33 14.97 -38.29
CA LYS A 297 -22.08 13.64 -37.73
C LYS A 297 -20.62 13.22 -37.75
N ILE A 298 -19.86 13.64 -38.78
CA ILE A 298 -18.47 13.18 -38.92
C ILE A 298 -17.64 13.74 -37.78
N ALA A 299 -17.76 15.04 -37.57
CA ALA A 299 -17.08 15.73 -36.47
C ALA A 299 -17.49 15.17 -35.11
N VAL A 300 -18.80 15.19 -34.85
CA VAL A 300 -19.35 14.80 -33.56
C VAL A 300 -19.05 13.33 -33.23
N ALA A 301 -19.33 12.43 -34.18
CA ALA A 301 -19.06 11.01 -33.96
C ALA A 301 -17.55 10.73 -33.84
N LEU A 302 -16.74 11.58 -34.46
CA LEU A 302 -15.29 11.53 -34.25
C LEU A 302 -14.97 12.08 -32.85
N ALA A 303 -15.71 13.12 -32.45
CA ALA A 303 -15.61 13.66 -31.10
C ALA A 303 -15.88 12.57 -30.06
N VAL A 304 -17.09 12.03 -30.05
CA VAL A 304 -17.45 10.94 -29.15
C VAL A 304 -16.25 10.00 -28.97
N ALA A 305 -15.77 9.46 -30.08
CA ALA A 305 -14.62 8.55 -30.05
C ALA A 305 -13.39 9.23 -29.45
N ALA A 306 -13.18 10.51 -29.79
CA ALA A 306 -12.07 11.30 -29.25
C ALA A 306 -12.13 11.45 -27.73
N ILE A 307 -13.30 11.86 -27.21
CA ILE A 307 -13.51 12.01 -25.75
C ILE A 307 -13.12 10.72 -25.01
N PRO A 308 -12.13 10.79 -24.12
CA PRO A 308 -11.91 9.65 -23.24
C PRO A 308 -13.00 9.62 -22.18
N GLU A 309 -13.64 8.46 -22.03
CA GLU A 309 -14.75 8.29 -21.11
C GLU A 309 -14.48 7.10 -20.21
N GLY A 310 -15.10 7.12 -19.02
CA GLY A 310 -14.93 6.06 -18.02
C GLY A 310 -13.83 6.32 -17.01
N LEU A 311 -13.11 7.43 -17.15
CA LEU A 311 -11.98 7.74 -16.25
C LEU A 311 -12.39 7.94 -14.78
N PRO A 312 -13.35 8.85 -14.50
CA PRO A 312 -13.85 9.06 -13.14
C PRO A 312 -14.05 7.81 -12.32
N ALA A 313 -14.69 6.81 -12.92
CA ALA A 313 -14.98 5.54 -12.25
C ALA A 313 -13.79 4.59 -12.28
N VAL A 314 -12.99 4.63 -13.35
CA VAL A 314 -11.81 3.76 -13.40
C VAL A 314 -10.83 4.08 -12.29
N ILE A 315 -10.53 5.35 -12.08
CA ILE A 315 -9.62 5.75 -10.99
C ILE A 315 -10.23 5.37 -9.65
N THR A 316 -11.56 5.35 -9.57
CA THR A 316 -12.21 4.78 -8.41
C THR A 316 -11.84 3.30 -8.30
N THR A 317 -12.10 2.53 -9.36
CA THR A 317 -11.75 1.09 -9.34
C THR A 317 -10.29 0.90 -8.98
N CYS A 318 -9.41 1.69 -9.58
CA CYS A 318 -7.95 1.59 -9.37
C CYS A 318 -7.58 1.98 -7.95
N LEU A 319 -7.74 3.27 -7.63
CA LEU A 319 -7.52 3.79 -6.28
C LEU A 319 -8.06 2.87 -5.18
N ALA A 320 -9.36 2.58 -5.24
CA ALA A 320 -10.02 1.77 -4.22
C ALA A 320 -9.36 0.42 -4.09
N LEU A 321 -9.25 -0.29 -5.21
CA LEU A 321 -8.65 -1.62 -5.25
C LEU A 321 -7.22 -1.63 -4.70
N GLY A 322 -6.47 -0.57 -4.99
CA GLY A 322 -5.13 -0.42 -4.43
C GLY A 322 -5.18 -0.26 -2.92
N THR A 323 -6.15 0.52 -2.45
CA THR A 323 -6.36 0.72 -1.02
C THR A 323 -6.80 -0.57 -0.34
N ARG A 324 -7.38 -1.47 -1.13
CA ARG A 324 -7.74 -2.81 -0.64
C ARG A 324 -6.45 -3.55 -0.32
N ARG A 325 -5.56 -3.65 -1.31
CA ARG A 325 -4.28 -4.35 -1.14
C ARG A 325 -3.39 -3.68 -0.09
N MET A 326 -3.49 -2.36 0.01
CA MET A 326 -2.84 -1.65 1.11
C MET A 326 -3.41 -2.14 2.45
N ALA A 327 -4.74 -2.16 2.53
CA ALA A 327 -5.42 -2.65 3.72
C ALA A 327 -5.12 -4.12 4.05
N LYS A 328 -4.93 -4.94 3.02
CA LYS A 328 -4.76 -6.39 3.20
C LYS A 328 -3.50 -6.75 3.97
N LYS A 329 -2.38 -6.15 3.58
CA LYS A 329 -1.08 -6.33 4.26
C LYS A 329 -0.87 -5.23 5.34
N ASN A 330 -1.97 -4.84 6.00
CA ASN A 330 -1.98 -4.00 7.22
C ASN A 330 -1.62 -2.51 7.06
N ALA A 331 -1.61 -1.99 5.83
CA ALA A 331 -1.48 -0.53 5.60
C ALA A 331 -2.87 0.10 5.57
N ILE A 332 -3.31 0.53 6.74
CA ILE A 332 -4.69 0.97 6.98
C ILE A 332 -4.86 2.46 6.63
N VAL A 333 -5.10 2.76 5.35
CA VAL A 333 -5.23 4.16 4.90
C VAL A 333 -6.69 4.57 4.66
N ARG A 334 -7.22 5.38 5.57
CA ARG A 334 -8.59 5.84 5.48
C ARG A 334 -8.80 6.73 4.24
N SER A 335 -8.83 8.05 4.40
CA SER A 335 -9.00 8.98 3.28
C SER A 335 -8.31 8.43 2.02
N LEU A 336 -9.08 8.25 0.96
CA LEU A 336 -8.50 7.83 -0.32
C LEU A 336 -7.53 8.87 -0.89
N PRO A 337 -7.85 10.17 -0.72
CA PRO A 337 -6.84 11.14 -1.11
C PRO A 337 -5.46 10.92 -0.49
N SER A 338 -5.39 10.24 0.67
CA SER A 338 -4.11 9.99 1.33
C SER A 338 -3.13 9.18 0.50
N VAL A 339 -3.60 8.46 -0.52
CA VAL A 339 -2.69 7.72 -1.42
C VAL A 339 -1.87 8.68 -2.29
N GLU A 340 -2.54 9.70 -2.83
CA GLU A 340 -1.90 10.69 -3.69
C GLU A 340 -0.74 11.39 -2.96
N THR A 341 -0.83 11.45 -1.64
CA THR A 341 0.26 11.91 -0.80
C THR A 341 1.17 10.73 -0.40
N LEU A 342 0.56 9.58 -0.16
CA LEU A 342 1.28 8.36 0.19
C LEU A 342 2.30 7.94 -0.90
N GLY A 343 1.94 8.20 -2.16
CA GLY A 343 2.76 7.80 -3.30
C GLY A 343 3.96 8.68 -3.62
N CYS A 344 3.98 9.90 -3.08
CA CYS A 344 5.10 10.82 -3.32
C CYS A 344 5.91 11.11 -2.07
N THR A 345 5.49 10.56 -0.94
CA THR A 345 6.22 10.73 0.30
C THR A 345 7.64 10.18 0.17
N SER A 346 8.61 11.06 -0.07
CA SER A 346 10.00 10.67 -0.31
C SER A 346 10.85 10.56 0.97
N VAL A 347 10.22 10.70 2.13
CA VAL A 347 10.94 10.61 3.40
C VAL A 347 10.13 9.74 4.34
N ILE A 348 10.80 9.02 5.24
CA ILE A 348 10.12 8.16 6.19
C ILE A 348 10.76 8.27 7.58
N CYS A 349 10.42 9.34 8.29
CA CYS A 349 10.84 9.52 9.67
C CYS A 349 10.01 8.60 10.56
N SER A 350 10.45 7.36 10.71
CA SER A 350 9.71 6.33 11.47
C SER A 350 10.36 5.95 12.83
N ASP A 351 9.67 5.14 13.62
CA ASP A 351 10.15 4.77 14.98
C ASP A 351 10.96 3.46 14.99
N LYS A 352 11.59 3.17 16.13
CA LYS A 352 12.50 2.01 16.30
C LYS A 352 11.89 0.84 17.05
N THR A 353 11.63 1.03 18.34
CA THR A 353 11.05 -0.01 19.19
C THR A 353 9.61 -0.28 18.77
N GLY A 354 9.40 -1.45 18.18
CA GLY A 354 8.09 -1.86 17.68
C GLY A 354 7.89 -1.62 16.20
N THR A 355 8.74 -0.80 15.58
CA THR A 355 8.58 -0.45 14.16
C THR A 355 9.78 -0.88 13.30
N LEU A 356 10.99 -0.53 13.74
CA LEU A 356 12.22 -1.04 13.11
C LEU A 356 12.74 -2.28 13.82
N THR A 357 12.44 -2.42 15.10
CA THR A 357 12.88 -3.59 15.86
C THR A 357 11.74 -4.26 16.62
N THR A 358 11.90 -5.56 16.86
CA THR A 358 10.85 -6.38 17.45
C THR A 358 10.74 -6.22 18.97
N ASN A 359 11.63 -5.43 19.58
CA ASN A 359 11.61 -5.22 21.03
C ASN A 359 12.07 -6.49 21.74
N GLN A 360 11.38 -7.60 21.41
CA GLN A 360 11.70 -8.94 21.87
C GLN A 360 13.18 -9.25 21.67
N MET A 361 13.88 -9.52 22.78
CA MET A 361 15.28 -9.92 22.75
C MET A 361 15.40 -11.28 22.10
N SER A 362 16.51 -11.47 21.37
CA SER A 362 16.71 -12.64 20.54
C SER A 362 18.20 -12.97 20.40
N VAL A 363 18.56 -14.22 20.67
CA VAL A 363 19.94 -14.70 20.59
C VAL A 363 20.30 -15.03 19.14
N CYS A 364 21.36 -14.41 18.64
CA CYS A 364 21.76 -14.57 17.25
C CYS A 364 22.56 -15.85 17.09
N LYS A 365 23.87 -15.79 17.31
CA LYS A 365 24.76 -16.94 17.20
C LYS A 365 25.19 -17.42 18.57
N MET A 366 26.01 -18.47 18.60
CA MET A 366 26.54 -19.06 19.83
C MET A 366 27.41 -20.26 19.47
N PHE A 367 28.55 -20.40 20.13
CA PHE A 367 29.54 -21.38 19.69
C PHE A 367 30.18 -22.22 20.78
N ILE A 368 30.62 -23.40 20.35
CA ILE A 368 31.34 -24.36 21.19
C ILE A 368 32.76 -24.56 20.64
N ILE A 369 33.71 -24.85 21.52
CA ILE A 369 35.08 -25.16 21.09
C ILE A 369 35.06 -26.50 20.32
N ASP A 370 35.10 -26.40 19.00
CA ASP A 370 34.91 -27.54 18.11
C ASP A 370 36.10 -28.51 18.12
N LYS A 371 37.31 -28.00 17.98
CA LYS A 371 38.54 -28.80 18.11
C LYS A 371 39.61 -28.01 18.88
N VAL A 372 40.40 -28.70 19.70
CA VAL A 372 41.58 -28.10 20.34
C VAL A 372 42.80 -28.98 20.14
N ASP A 373 43.74 -28.53 19.33
CA ASP A 373 44.98 -29.24 19.10
C ASP A 373 46.12 -28.24 18.92
N GLY A 374 47.21 -28.46 19.63
CA GLY A 374 48.40 -27.64 19.51
C GLY A 374 48.22 -26.24 20.07
N ASP A 375 47.38 -26.13 21.09
CA ASP A 375 47.03 -24.85 21.70
C ASP A 375 46.15 -23.97 20.78
N PHE A 376 45.52 -24.57 19.77
CA PHE A 376 44.75 -23.84 18.76
C PHE A 376 43.39 -24.49 18.55
N CYS A 377 42.41 -23.70 18.13
CA CYS A 377 41.02 -24.16 18.07
C CYS A 377 40.22 -23.66 16.87
N SER A 378 39.20 -24.44 16.51
CA SER A 378 38.18 -24.04 15.54
C SER A 378 36.86 -23.95 16.29
N LEU A 379 36.01 -23.00 15.90
CA LEU A 379 34.79 -22.69 16.63
C LEU A 379 33.56 -23.19 15.88
N ASN A 380 32.48 -23.49 16.61
CA ASN A 380 31.25 -24.06 16.03
C ASN A 380 30.03 -23.16 16.25
N GLU A 381 29.72 -22.34 15.25
CA GLU A 381 28.66 -21.33 15.36
C GLU A 381 27.28 -21.92 15.02
N PHE A 382 26.24 -21.28 15.56
CA PHE A 382 24.86 -21.79 15.43
C PHE A 382 23.86 -20.63 15.44
N SER A 383 23.57 -20.08 14.26
CA SER A 383 22.59 -19.00 14.16
C SER A 383 21.17 -19.54 14.36
N ILE A 384 20.35 -18.75 15.06
CA ILE A 384 18.97 -19.12 15.38
C ILE A 384 18.02 -18.25 14.59
N THR A 385 17.02 -18.86 13.96
CA THR A 385 16.08 -18.14 13.12
C THR A 385 15.07 -17.38 13.99
N GLY A 386 14.12 -16.72 13.34
CA GLY A 386 13.10 -15.94 14.04
C GLY A 386 13.64 -14.62 14.58
N SER A 387 13.01 -14.16 15.65
CA SER A 387 13.41 -12.94 16.36
C SER A 387 12.57 -12.71 17.62
N THR A 388 11.73 -13.68 17.98
CA THR A 388 10.68 -13.47 18.97
C THR A 388 10.78 -14.47 20.13
N TYR A 389 10.07 -14.16 21.22
CA TYR A 389 10.00 -15.05 22.37
C TYR A 389 9.16 -16.28 22.06
N ALA A 390 8.35 -16.20 21.01
CA ALA A 390 7.66 -17.37 20.49
C ALA A 390 8.73 -18.32 19.97
N PRO A 391 8.71 -19.59 20.41
CA PRO A 391 9.72 -20.59 20.01
C PRO A 391 9.72 -20.96 18.51
N GLU A 392 9.25 -20.04 17.67
CA GLU A 392 9.06 -20.26 16.24
C GLU A 392 10.39 -20.11 15.51
N GLY A 393 11.36 -20.96 15.87
CA GLY A 393 12.72 -20.80 15.39
C GLY A 393 13.58 -22.04 15.40
N GLU A 394 14.61 -22.03 14.57
CA GLU A 394 15.40 -23.21 14.31
C GLU A 394 16.87 -22.88 14.13
N VAL A 395 17.71 -23.74 14.69
CA VAL A 395 19.16 -23.55 14.72
C VAL A 395 19.73 -23.77 13.32
N LEU A 396 20.93 -23.25 13.06
CA LEU A 396 21.55 -23.39 11.74
C LEU A 396 22.99 -23.90 11.76
N LYS A 397 23.48 -24.18 10.55
CA LYS A 397 24.87 -24.49 10.32
C LYS A 397 25.15 -24.15 8.85
N ASN A 398 25.90 -23.10 8.60
CA ASN A 398 26.22 -22.67 7.23
C ASN A 398 24.95 -22.38 6.41
N ASP A 399 23.93 -21.88 7.10
CA ASP A 399 22.59 -21.71 6.53
C ASP A 399 21.97 -23.07 6.13
N LYS A 400 22.27 -24.10 6.92
CA LYS A 400 21.70 -25.43 6.76
C LYS A 400 21.25 -26.00 8.12
N PRO A 401 19.93 -26.07 8.36
CA PRO A 401 19.42 -26.50 9.67
C PRO A 401 19.85 -27.91 10.09
N ILE A 402 20.28 -28.06 11.34
CA ILE A 402 20.66 -29.36 11.90
C ILE A 402 20.31 -29.42 13.39
N ARG A 403 20.22 -30.63 13.92
CA ARG A 403 19.74 -30.85 15.28
C ARG A 403 20.84 -30.73 16.31
N SER A 404 20.77 -29.65 17.12
CA SER A 404 21.73 -29.34 18.18
C SER A 404 22.17 -30.56 18.97
N GLY A 405 21.28 -31.55 19.07
CA GLY A 405 21.61 -32.86 19.65
C GLY A 405 22.91 -33.48 19.12
N GLN A 406 23.18 -33.29 17.83
CA GLN A 406 24.38 -33.85 17.19
C GLN A 406 25.67 -33.27 17.75
N PHE A 407 25.55 -32.24 18.60
CA PHE A 407 26.70 -31.64 19.28
C PHE A 407 26.49 -31.61 20.79
N ASP A 408 27.37 -32.33 21.50
CA ASP A 408 27.27 -32.53 22.95
C ASP A 408 27.44 -31.23 23.73
N GLY A 409 28.32 -30.37 23.23
CA GLY A 409 28.53 -29.03 23.81
C GLY A 409 27.26 -28.20 23.87
N LEU A 410 26.53 -28.14 22.76
CA LEU A 410 25.25 -27.44 22.73
C LEU A 410 24.26 -28.04 23.72
N VAL A 411 24.39 -29.33 24.00
CA VAL A 411 23.51 -30.01 24.95
C VAL A 411 23.87 -29.58 26.39
N GLU A 412 25.11 -29.16 26.60
CA GLU A 412 25.46 -28.47 27.84
C GLU A 412 25.18 -26.98 27.73
N LEU A 413 25.36 -26.41 26.55
CA LEU A 413 25.13 -24.98 26.30
C LEU A 413 23.72 -24.55 26.72
N ALA A 414 22.72 -25.27 26.23
CA ALA A 414 21.33 -25.01 26.59
C ALA A 414 21.04 -25.32 28.06
N THR A 415 21.64 -26.38 28.59
CA THR A 415 21.51 -26.72 30.01
C THR A 415 21.87 -25.53 30.90
N ILE A 416 22.88 -24.76 30.50
CA ILE A 416 23.27 -23.54 31.22
C ILE A 416 22.25 -22.45 30.90
N CYS A 417 21.85 -22.34 29.63
CA CYS A 417 20.84 -21.34 29.21
C CYS A 417 19.37 -21.73 29.47
N ALA A 418 19.14 -22.77 30.29
CA ALA A 418 17.80 -23.16 30.73
C ALA A 418 17.73 -23.18 32.25
N LEU A 419 18.70 -23.83 32.88
CA LEU A 419 18.85 -23.81 34.33
C LEU A 419 19.25 -22.41 34.79
N CYS A 420 20.47 -21.98 34.43
CA CYS A 420 21.00 -20.70 34.87
C CYS A 420 20.18 -19.58 34.27
N ASN A 421 18.98 -19.42 34.83
CA ASN A 421 17.97 -18.52 34.30
C ASN A 421 16.90 -18.27 35.37
N ASP A 422 16.96 -17.08 35.97
CA ASP A 422 15.93 -16.59 36.89
C ASP A 422 14.79 -15.90 36.11
N SER A 423 14.36 -16.52 35.02
CA SER A 423 13.26 -16.00 34.21
C SER A 423 12.66 -17.08 33.32
N SER A 424 11.50 -16.77 32.73
CA SER A 424 10.76 -17.76 31.97
C SER A 424 9.92 -17.16 30.84
N LEU A 425 9.26 -18.04 30.09
CA LEU A 425 8.41 -17.68 28.96
C LEU A 425 6.97 -17.96 29.31
N ASP A 426 6.04 -17.27 28.66
CA ASP A 426 4.62 -17.51 28.88
C ASP A 426 3.84 -17.26 27.59
N PHE A 427 2.71 -17.96 27.45
CA PHE A 427 1.76 -17.68 26.36
C PHE A 427 0.55 -16.95 26.89
N ASN A 428 -0.08 -16.15 26.03
CA ASN A 428 -1.22 -15.32 26.40
C ASN A 428 -2.49 -15.77 25.70
N GLU A 429 -3.41 -16.37 26.46
CA GLU A 429 -4.66 -16.88 25.90
C GLU A 429 -5.58 -15.77 25.39
N THR A 430 -5.52 -14.59 26.03
CA THR A 430 -6.35 -13.44 25.64
C THR A 430 -5.81 -12.73 24.38
N LYS A 431 -4.48 -12.57 24.31
CA LYS A 431 -3.81 -11.92 23.17
C LYS A 431 -3.38 -12.90 22.08
N GLY A 432 -2.61 -13.92 22.46
CA GLY A 432 -2.12 -14.93 21.52
C GLY A 432 -0.63 -14.86 21.19
N VAL A 433 0.10 -13.98 21.86
CA VAL A 433 1.55 -13.86 21.68
C VAL A 433 2.27 -14.53 22.85
N TYR A 434 3.57 -14.71 22.69
CA TYR A 434 4.43 -15.10 23.79
C TYR A 434 5.04 -13.84 24.41
N GLU A 435 4.71 -13.57 25.67
CA GLU A 435 5.26 -12.45 26.42
C GLU A 435 6.24 -12.94 27.47
N LYS A 436 7.34 -12.22 27.64
CA LYS A 436 8.38 -12.63 28.58
C LYS A 436 7.86 -12.74 30.02
N VAL A 437 8.53 -13.59 30.81
CA VAL A 437 8.29 -13.71 32.26
C VAL A 437 9.62 -13.48 32.99
N GLY A 438 10.08 -12.23 32.95
CA GLY A 438 11.38 -11.85 33.50
C GLY A 438 12.03 -10.75 32.67
N GLU A 439 13.36 -10.71 32.70
CA GLU A 439 14.15 -9.74 31.91
C GLU A 439 14.61 -10.34 30.58
N ALA A 440 14.56 -9.51 29.54
CA ALA A 440 14.65 -9.97 28.15
C ALA A 440 15.97 -10.66 27.85
N THR A 441 17.07 -10.06 28.29
CA THR A 441 18.40 -10.66 28.14
C THR A 441 18.47 -12.10 28.70
N GLU A 442 17.67 -12.37 29.73
CA GLU A 442 17.54 -13.69 30.32
C GLU A 442 16.38 -14.49 29.69
N THR A 443 15.35 -13.80 29.20
CA THR A 443 14.27 -14.43 28.44
C THR A 443 14.83 -15.12 27.21
N ALA A 444 15.86 -14.52 26.62
CA ALA A 444 16.50 -15.05 25.41
C ALA A 444 17.12 -16.43 25.65
N LEU A 445 17.47 -16.72 26.90
CA LEU A 445 17.98 -18.03 27.28
C LEU A 445 16.83 -19.05 27.41
N THR A 446 15.62 -18.57 27.72
CA THR A 446 14.42 -19.42 27.65
C THR A 446 14.12 -19.70 26.17
N THR A 447 14.00 -18.64 25.40
CA THR A 447 13.73 -18.73 23.97
C THR A 447 14.58 -19.81 23.34
N LEU A 448 15.89 -19.72 23.55
CA LEU A 448 16.89 -20.44 22.75
C LEU A 448 16.85 -21.94 22.98
N VAL A 449 16.82 -22.35 24.23
CA VAL A 449 16.86 -23.78 24.55
C VAL A 449 15.65 -24.46 23.94
N GLU A 450 14.53 -23.75 23.93
CA GLU A 450 13.29 -24.27 23.37
C GLU A 450 13.46 -24.48 21.88
N LYS A 451 13.99 -23.48 21.19
CA LYS A 451 14.15 -23.56 19.74
C LYS A 451 15.00 -24.77 19.40
N MET A 452 16.16 -24.89 20.06
CA MET A 452 17.10 -25.99 19.81
C MET A 452 16.43 -27.33 19.99
N ASN A 453 15.72 -27.49 21.12
CA ASN A 453 15.03 -28.71 21.46
C ASN A 453 16.05 -29.84 21.49
N VAL A 454 17.11 -29.62 22.26
CA VAL A 454 18.27 -30.53 22.29
C VAL A 454 17.88 -32.00 22.49
N PHE A 455 17.33 -32.33 23.66
CA PHE A 455 16.95 -33.71 23.94
C PHE A 455 15.69 -34.14 23.19
N ASN A 456 15.19 -33.28 22.30
CA ASN A 456 14.11 -33.60 21.35
C ASN A 456 12.77 -34.01 21.99
N THR A 457 12.29 -33.22 22.94
CA THR A 457 10.98 -33.44 23.54
C THR A 457 9.93 -33.36 22.44
N GLU A 458 8.91 -34.21 22.52
CA GLU A 458 7.81 -34.17 21.56
C GLU A 458 6.93 -32.93 21.79
N VAL A 459 7.06 -31.95 20.91
CA VAL A 459 6.30 -30.71 21.03
C VAL A 459 5.39 -30.40 19.83
N ARG A 460 5.49 -31.18 18.76
CA ARG A 460 4.70 -30.92 17.55
C ARG A 460 3.19 -31.01 17.83
N ASN A 461 2.83 -31.86 18.80
CA ASN A 461 1.44 -32.05 19.21
C ASN A 461 1.18 -31.66 20.67
N LEU A 462 2.02 -30.77 21.20
CA LEU A 462 1.86 -30.25 22.57
C LEU A 462 1.36 -28.82 22.55
N SER A 463 0.62 -28.48 23.60
CA SER A 463 -0.18 -27.27 23.66
C SER A 463 0.67 -26.03 23.59
N LYS A 464 0.04 -24.92 23.22
CA LYS A 464 0.71 -23.62 23.24
C LYS A 464 1.13 -23.31 24.68
N VAL A 465 0.22 -23.64 25.59
CA VAL A 465 0.37 -23.38 27.03
C VAL A 465 1.45 -24.26 27.69
N GLU A 466 1.81 -25.35 27.00
CA GLU A 466 2.96 -26.19 27.39
C GLU A 466 4.22 -25.94 26.55
N ARG A 467 4.05 -25.40 25.34
CA ARG A 467 5.17 -25.19 24.40
C ARG A 467 6.08 -24.06 24.85
N ALA A 468 5.48 -22.93 25.20
CA ALA A 468 6.21 -21.80 25.75
C ALA A 468 7.24 -22.25 26.80
N ASN A 469 7.01 -23.41 27.41
CA ASN A 469 7.95 -23.98 28.37
C ASN A 469 8.05 -25.51 28.27
N ALA A 470 8.26 -26.02 27.05
CA ALA A 470 8.27 -27.48 26.81
C ALA A 470 9.61 -28.11 27.18
N CYS A 471 10.68 -27.60 26.59
CA CYS A 471 12.04 -28.09 26.82
C CYS A 471 12.50 -27.72 28.23
N ASN A 472 12.41 -26.44 28.56
CA ASN A 472 12.83 -25.90 29.85
C ASN A 472 12.28 -26.72 31.02
N SER A 473 10.98 -26.99 30.99
CA SER A 473 10.30 -27.75 32.04
C SER A 473 10.60 -29.26 32.00
N VAL A 474 11.40 -29.67 31.01
CA VAL A 474 12.01 -30.99 30.97
C VAL A 474 13.45 -30.89 31.51
N ILE A 475 14.22 -29.91 31.03
CA ILE A 475 15.57 -29.68 31.55
C ILE A 475 15.53 -29.57 33.08
N ARG A 476 14.54 -28.83 33.57
CA ARG A 476 14.41 -28.56 35.01
C ARG A 476 14.23 -29.84 35.85
N GLN A 477 13.66 -30.89 35.25
CA GLN A 477 13.49 -32.18 35.94
C GLN A 477 14.69 -33.12 35.80
N LEU A 478 15.77 -32.66 35.17
CA LEU A 478 17.02 -33.43 35.09
C LEU A 478 18.06 -32.88 36.07
N MET A 479 17.87 -31.63 36.48
CA MET A 479 18.77 -30.95 37.41
C MET A 479 18.00 -30.20 38.49
N LYS A 480 18.74 -29.71 39.48
CA LYS A 480 18.18 -28.93 40.58
C LYS A 480 18.97 -27.64 40.78
N LYS A 481 18.27 -26.52 40.95
CA LYS A 481 18.89 -25.28 41.40
C LYS A 481 18.72 -25.16 42.92
N GLU A 482 19.83 -25.20 43.65
CA GLU A 482 19.82 -25.23 45.12
C GLU A 482 19.91 -23.83 45.75
N PHE A 483 20.69 -22.95 45.13
CA PHE A 483 20.72 -21.52 45.52
C PHE A 483 21.44 -20.66 44.47
N THR A 484 20.90 -19.47 44.21
CA THR A 484 21.40 -18.59 43.14
C THR A 484 22.31 -17.47 43.66
N LEU A 485 23.55 -17.46 43.19
CA LEU A 485 24.42 -16.32 43.40
C LEU A 485 23.97 -15.30 42.37
N GLU A 486 23.30 -14.24 42.85
CA GLU A 486 22.73 -13.23 41.96
C GLU A 486 23.82 -12.47 41.18
N PHE A 487 23.44 -11.95 40.03
CA PHE A 487 24.31 -11.17 39.14
C PHE A 487 24.94 -9.97 39.86
N SER A 488 26.25 -9.78 39.64
CA SER A 488 27.07 -8.92 40.48
C SER A 488 28.03 -8.05 39.63
N ARG A 489 27.94 -6.72 39.76
CA ARG A 489 28.87 -5.77 39.10
C ARG A 489 30.31 -6.28 39.18
N ASP A 490 30.70 -6.63 40.40
CA ASP A 490 32.02 -7.21 40.70
C ASP A 490 32.53 -8.09 39.56
N ARG A 491 31.73 -9.10 39.21
CA ARG A 491 32.13 -10.16 38.26
C ARG A 491 31.32 -10.17 36.97
N LYS A 492 30.46 -9.16 36.78
CA LYS A 492 29.69 -8.99 35.55
C LYS A 492 29.04 -10.31 35.11
N SER A 493 28.61 -11.10 36.09
CA SER A 493 28.09 -12.44 35.82
C SER A 493 27.24 -13.00 36.96
N MET A 494 26.45 -14.03 36.66
CA MET A 494 25.62 -14.75 37.65
C MET A 494 26.01 -16.22 37.65
N SER A 495 25.62 -16.95 38.69
CA SER A 495 25.79 -18.40 38.69
C SER A 495 24.78 -19.13 39.57
N VAL A 496 24.70 -20.44 39.34
CA VAL A 496 23.75 -21.31 40.04
C VAL A 496 24.43 -22.62 40.47
N TYR A 497 24.35 -22.92 41.76
CA TYR A 497 24.89 -24.18 42.30
C TYR A 497 23.86 -25.27 42.01
N CYS A 498 24.07 -26.00 40.92
CA CYS A 498 23.12 -27.01 40.47
C CYS A 498 23.40 -28.37 41.09
N SER A 499 22.61 -29.35 40.68
CA SER A 499 22.80 -30.74 41.10
C SER A 499 21.82 -31.68 40.40
N PRO A 500 22.19 -32.98 40.26
CA PRO A 500 21.37 -33.95 39.52
C PRO A 500 20.02 -34.19 40.17
N ALA A 501 18.94 -33.99 39.42
CA ALA A 501 17.58 -34.03 39.98
C ALA A 501 17.09 -35.46 40.19
N LYS A 502 16.25 -35.63 41.21
CA LYS A 502 15.87 -36.96 41.68
C LYS A 502 17.09 -37.75 42.14
N SER A 503 17.97 -37.11 42.91
CA SER A 503 19.24 -37.74 43.31
C SER A 503 19.16 -38.39 44.69
N SER A 504 20.13 -39.29 44.92
CA SER A 504 20.41 -39.89 46.23
C SER A 504 21.84 -39.58 46.71
N ARG A 505 22.76 -39.45 45.76
CA ARG A 505 24.15 -39.12 46.06
C ARG A 505 24.27 -37.63 46.40
N ALA A 506 25.21 -37.30 47.30
CA ALA A 506 25.34 -35.93 47.84
C ALA A 506 26.31 -35.04 47.05
N ALA A 507 27.59 -35.41 47.03
CA ALA A 507 28.61 -34.70 46.24
C ALA A 507 29.09 -35.55 45.05
N VAL A 508 28.16 -35.78 44.12
CA VAL A 508 28.40 -36.64 42.96
C VAL A 508 27.53 -36.17 41.79
N GLY A 509 27.93 -35.09 41.14
CA GLY A 509 27.21 -34.56 39.98
C GLY A 509 26.64 -33.16 40.12
N ASN A 510 26.92 -32.48 41.23
CA ASN A 510 26.60 -31.07 41.40
C ASN A 510 27.42 -30.25 40.39
N LYS A 511 26.80 -29.25 39.76
CA LYS A 511 27.46 -28.49 38.70
C LYS A 511 27.21 -26.98 38.83
N MET A 512 28.19 -26.23 39.34
CA MET A 512 28.03 -24.78 39.53
C MET A 512 28.04 -24.02 38.21
N PHE A 513 26.87 -23.90 37.58
CA PHE A 513 26.76 -23.27 36.28
C PHE A 513 26.76 -21.74 36.41
N VAL A 514 27.79 -21.11 35.84
CA VAL A 514 27.93 -19.65 35.79
C VAL A 514 27.26 -19.13 34.51
N LYS A 515 27.13 -17.81 34.39
CA LYS A 515 26.61 -17.17 33.18
C LYS A 515 27.00 -15.70 33.19
N GLY A 516 27.21 -15.13 32.02
CA GLY A 516 27.33 -13.67 31.92
C GLY A 516 28.31 -13.14 30.91
N ALA A 517 29.02 -12.08 31.30
CA ALA A 517 29.84 -11.31 30.38
C ALA A 517 31.16 -12.02 30.07
N PRO A 518 31.69 -11.83 28.84
CA PRO A 518 32.90 -12.45 28.30
C PRO A 518 34.14 -12.50 29.23
N GLU A 519 34.93 -11.42 29.28
CA GLU A 519 36.20 -11.39 30.02
C GLU A 519 36.03 -11.82 31.48
N GLY A 520 35.12 -11.16 32.20
CA GLY A 520 34.86 -11.44 33.60
C GLY A 520 34.81 -12.94 33.90
N VAL A 521 34.15 -13.68 33.02
CA VAL A 521 33.99 -15.13 33.16
C VAL A 521 35.18 -15.89 32.59
N ILE A 522 35.63 -15.54 31.37
CA ILE A 522 36.71 -16.28 30.70
C ILE A 522 38.00 -16.18 31.50
N ASP A 523 38.24 -15.03 32.14
CA ASP A 523 39.35 -14.87 33.09
C ASP A 523 39.26 -15.83 34.28
N ARG A 524 38.10 -16.47 34.46
CA ARG A 524 37.89 -17.50 35.48
C ARG A 524 37.65 -18.89 34.87
N CYS A 525 38.04 -19.05 33.60
CA CYS A 525 37.88 -20.33 32.89
C CYS A 525 39.26 -20.94 32.59
N ASN A 526 39.65 -21.93 33.39
CA ASN A 526 40.97 -22.58 33.30
C ASN A 526 40.99 -23.88 32.51
N TYR A 527 39.80 -24.43 32.25
CA TYR A 527 39.66 -25.63 31.46
C TYR A 527 38.73 -25.34 30.28
N VAL A 528 38.92 -26.09 29.21
CA VAL A 528 38.07 -25.99 28.04
C VAL A 528 37.32 -27.29 27.88
N ARG A 529 36.08 -27.20 27.38
CA ARG A 529 35.30 -28.40 27.09
C ARG A 529 35.24 -28.68 25.59
N VAL A 530 35.33 -29.96 25.24
CA VAL A 530 35.09 -30.44 23.89
C VAL A 530 34.33 -31.77 23.98
N GLY A 531 33.10 -31.77 23.45
CA GLY A 531 32.27 -32.95 23.48
C GLY A 531 31.88 -33.28 24.90
N THR A 532 32.57 -34.25 25.48
CA THR A 532 32.30 -34.70 26.84
C THR A 532 33.59 -34.91 27.65
N THR A 533 34.59 -34.08 27.38
CA THR A 533 35.93 -34.23 27.95
C THR A 533 36.47 -32.87 28.36
N ARG A 534 37.76 -32.79 28.70
CA ARG A 534 38.40 -31.52 29.03
C ARG A 534 39.87 -31.44 28.66
N VAL A 535 40.34 -30.20 28.49
CA VAL A 535 41.73 -29.93 28.14
C VAL A 535 42.07 -28.49 28.58
N PRO A 536 43.25 -28.27 29.19
CA PRO A 536 43.66 -26.93 29.61
C PRO A 536 43.43 -25.83 28.57
N MET A 537 42.70 -24.79 29.00
CA MET A 537 42.50 -23.57 28.22
C MET A 537 43.84 -22.99 27.83
N THR A 538 44.01 -22.71 26.55
CA THR A 538 45.33 -22.40 26.00
C THR A 538 45.38 -20.91 25.64
N GLY A 539 46.56 -20.45 25.23
CA GLY A 539 46.74 -19.07 24.83
C GLY A 539 46.04 -18.74 23.52
N PRO A 540 46.57 -19.26 22.39
CA PRO A 540 45.97 -19.02 21.08
C PRO A 540 44.48 -19.42 20.99
N VAL A 541 44.07 -20.43 21.77
CA VAL A 541 42.66 -20.82 21.85
C VAL A 541 41.83 -19.70 22.50
N LYS A 542 42.18 -19.33 23.72
CA LYS A 542 41.57 -18.18 24.42
C LYS A 542 41.43 -17.01 23.47
N GLU A 543 42.54 -16.66 22.84
CA GLU A 543 42.60 -15.55 21.92
C GLU A 543 41.73 -15.79 20.71
N LYS A 544 41.51 -17.05 20.34
CA LYS A 544 40.59 -17.36 19.23
C LYS A 544 39.16 -17.03 19.64
N ILE A 545 38.72 -17.59 20.77
CA ILE A 545 37.38 -17.34 21.28
C ILE A 545 37.14 -15.84 21.51
N LEU A 546 38.01 -15.22 22.30
CA LEU A 546 37.89 -13.78 22.62
C LEU A 546 38.05 -12.86 21.40
N SER A 547 38.82 -13.26 20.40
CA SER A 547 38.94 -12.49 19.15
C SER A 547 37.63 -12.58 18.36
N VAL A 548 37.03 -13.78 18.36
CA VAL A 548 35.74 -13.99 17.71
C VAL A 548 34.62 -13.27 18.50
N ILE A 549 34.77 -13.15 19.82
CA ILE A 549 33.85 -12.36 20.64
C ILE A 549 34.06 -10.86 20.35
N LYS A 550 35.32 -10.50 20.12
CA LYS A 550 35.66 -9.16 19.67
C LYS A 550 35.04 -8.93 18.28
N GLU A 551 34.99 -10.00 17.47
CA GLU A 551 34.44 -9.95 16.11
C GLU A 551 32.98 -9.49 16.06
N TRP A 552 32.09 -10.15 16.80
CA TRP A 552 30.65 -9.85 16.75
C TRP A 552 30.30 -8.44 17.27
N GLY A 553 30.99 -7.99 18.31
CA GLY A 553 30.81 -6.62 18.80
C GLY A 553 31.55 -5.58 17.97
N THR A 554 32.41 -6.04 17.06
CA THR A 554 33.09 -5.17 16.09
C THR A 554 32.24 -5.02 14.84
N GLY A 555 31.74 -6.15 14.32
CA GLY A 555 30.96 -6.16 13.09
C GLY A 555 29.64 -5.42 13.20
N ARG A 556 29.04 -5.12 12.05
CA ARG A 556 27.75 -4.43 11.96
C ARG A 556 26.68 -5.10 12.83
N ASP A 557 26.82 -6.40 13.07
CA ASP A 557 25.95 -7.12 14.00
C ASP A 557 25.84 -6.35 15.32
N THR A 558 26.96 -6.28 16.02
CA THR A 558 27.02 -5.73 17.37
C THR A 558 26.19 -6.58 18.32
N LEU A 559 26.39 -7.90 18.25
CA LEU A 559 25.66 -8.82 19.13
C LEU A 559 26.24 -8.75 20.53
N ARG A 560 25.40 -8.46 21.52
CA ARG A 560 25.81 -8.55 22.90
C ARG A 560 26.31 -9.97 23.16
N CYS A 561 27.63 -10.14 23.14
CA CYS A 561 28.25 -11.44 23.41
C CYS A 561 28.19 -11.73 24.90
N LEU A 562 27.66 -12.90 25.28
CA LEU A 562 27.46 -13.25 26.69
C LEU A 562 28.03 -14.63 26.98
N ALA A 563 29.17 -14.67 27.66
CA ALA A 563 29.89 -15.92 27.91
C ALA A 563 29.21 -16.77 28.97
N LEU A 564 29.24 -18.09 28.77
CA LEU A 564 28.60 -19.04 29.67
C LEU A 564 29.58 -20.10 30.11
N ALA A 565 29.45 -20.52 31.37
CA ALA A 565 30.48 -21.35 31.97
C ALA A 565 29.96 -22.32 33.05
N THR A 566 30.81 -23.28 33.36
CA THR A 566 30.50 -24.42 34.23
C THR A 566 31.68 -24.63 35.18
N ARG A 567 31.41 -24.78 36.47
CA ARG A 567 32.41 -25.29 37.41
C ARG A 567 32.15 -26.78 37.62
N ASP A 568 33.15 -27.61 37.32
CA ASP A 568 32.99 -29.06 37.34
C ASP A 568 32.77 -29.64 38.76
N THR A 569 33.82 -29.58 39.57
CA THR A 569 33.80 -30.11 40.94
C THR A 569 33.54 -28.97 41.93
N PRO A 570 32.25 -28.71 42.23
CA PRO A 570 31.97 -27.60 43.12
C PRO A 570 32.40 -27.86 44.57
N PRO A 571 32.74 -26.79 45.31
CA PRO A 571 33.10 -26.88 46.71
C PRO A 571 31.88 -27.03 47.62
N LYS A 572 32.15 -27.28 48.90
CA LYS A 572 31.11 -27.60 49.87
C LYS A 572 30.28 -26.36 50.21
N ARG A 573 28.95 -26.50 50.22
CA ARG A 573 28.03 -25.37 50.48
C ARG A 573 28.10 -24.88 51.93
N GLU A 574 28.14 -25.82 52.88
CA GLU A 574 28.34 -25.50 54.30
C GLU A 574 29.46 -24.47 54.49
N GLU A 575 30.57 -24.71 53.78
CA GLU A 575 31.74 -23.85 53.84
C GLU A 575 31.48 -22.49 53.19
N MET A 576 30.73 -22.49 52.08
CA MET A 576 30.54 -21.29 51.26
C MET A 576 29.75 -20.20 51.96
N VAL A 577 30.26 -18.98 51.90
CA VAL A 577 29.51 -17.81 52.35
C VAL A 577 28.31 -17.64 51.42
N LEU A 578 27.16 -17.36 52.00
CA LEU A 578 25.92 -17.21 51.27
C LEU A 578 25.44 -15.75 51.25
N ASP A 579 26.05 -14.90 52.08
CA ASP A 579 25.53 -13.55 52.29
C ASP A 579 26.62 -12.49 52.27
N ASP A 580 27.31 -12.41 51.13
CA ASP A 580 28.21 -11.30 50.83
C ASP A 580 28.67 -11.41 49.39
N SER A 581 28.08 -10.58 48.53
CA SER A 581 28.32 -10.58 47.09
C SER A 581 29.79 -10.68 46.68
N SER A 582 30.67 -10.05 47.48
CA SER A 582 32.11 -10.01 47.21
C SER A 582 32.87 -11.33 47.45
N ARG A 583 32.18 -12.36 47.96
CA ARG A 583 32.77 -13.69 48.15
C ARG A 583 32.71 -14.53 46.87
N PHE A 584 31.91 -14.06 45.90
CA PHE A 584 31.53 -14.86 44.73
C PHE A 584 32.65 -14.90 43.70
N MET A 585 33.53 -13.91 43.76
CA MET A 585 34.71 -13.87 42.91
C MET A 585 35.68 -15.02 43.26
N GLU A 586 35.63 -15.49 44.52
CA GLU A 586 36.37 -16.68 44.95
C GLU A 586 35.54 -17.94 44.75
N TYR A 587 34.24 -17.78 44.56
CA TYR A 587 33.33 -18.89 44.34
C TYR A 587 33.05 -19.17 42.88
N GLU A 588 33.59 -18.34 41.97
CA GLU A 588 33.37 -18.52 40.54
C GLU A 588 34.62 -18.65 39.68
N THR A 589 35.79 -18.69 40.29
CA THR A 589 37.03 -18.87 39.54
C THR A 589 37.19 -20.33 39.16
N ASP A 590 38.12 -20.60 38.25
CA ASP A 590 38.40 -21.97 37.79
C ASP A 590 37.13 -22.66 37.25
N LEU A 591 36.65 -22.15 36.11
CA LEU A 591 35.51 -22.71 35.41
C LEU A 591 35.95 -23.53 34.21
N THR A 592 35.02 -24.31 33.67
CA THR A 592 35.19 -25.03 32.44
C THR A 592 34.41 -24.29 31.39
N PHE A 593 35.05 -23.99 30.27
CA PHE A 593 34.39 -23.24 29.21
C PHE A 593 33.35 -24.14 28.54
N VAL A 594 32.25 -23.53 28.11
CA VAL A 594 31.22 -24.23 27.35
C VAL A 594 30.87 -23.45 26.09
N GLY A 595 30.50 -22.18 26.24
CA GLY A 595 30.29 -21.31 25.08
C GLY A 595 30.11 -19.83 25.38
N VAL A 596 29.93 -19.05 24.32
CA VAL A 596 29.61 -17.63 24.40
C VAL A 596 28.63 -17.25 23.28
N VAL A 597 27.41 -16.83 23.63
CA VAL A 597 26.40 -16.46 22.61
C VAL A 597 26.50 -14.99 22.24
N GLY A 598 25.97 -14.66 21.07
CA GLY A 598 25.75 -13.27 20.65
C GLY A 598 24.25 -13.03 20.52
N MET A 599 23.73 -12.07 21.29
CA MET A 599 22.29 -11.78 21.30
C MET A 599 22.05 -10.28 21.14
N LEU A 600 20.89 -9.94 20.59
CA LEU A 600 20.57 -8.54 20.24
C LEU A 600 19.07 -8.28 20.13
N ASP A 601 18.71 -7.01 19.95
CA ASP A 601 17.34 -6.57 19.68
C ASP A 601 17.13 -6.51 18.17
N PRO A 602 16.63 -7.61 17.57
CA PRO A 602 16.66 -7.75 16.12
C PRO A 602 15.74 -6.77 15.39
N PRO A 603 15.85 -6.69 14.06
CA PRO A 603 15.01 -5.78 13.30
C PRO A 603 13.64 -6.41 12.99
N ARG A 604 12.65 -5.60 12.64
CA ARG A 604 11.32 -6.13 12.35
C ARG A 604 11.26 -6.84 11.00
N LYS A 605 10.40 -7.85 10.90
CA LYS A 605 10.40 -8.79 9.79
C LYS A 605 10.21 -8.07 8.45
N GLU A 606 11.05 -8.44 7.49
CA GLU A 606 11.11 -7.79 6.17
C GLU A 606 11.29 -6.27 6.22
N VAL A 607 12.18 -5.82 7.11
CA VAL A 607 12.69 -4.44 7.09
C VAL A 607 13.99 -4.40 6.27
N MET A 608 14.85 -5.40 6.48
CA MET A 608 16.13 -5.48 5.76
C MET A 608 15.98 -5.40 4.23
N GLY A 609 14.82 -5.79 3.72
CA GLY A 609 14.47 -5.55 2.32
C GLY A 609 13.90 -4.15 2.14
N SER A 610 12.97 -3.79 3.02
CA SER A 610 12.29 -2.50 2.96
C SER A 610 13.17 -1.31 3.33
N ILE A 611 14.46 -1.54 3.54
CA ILE A 611 15.43 -0.46 3.76
C ILE A 611 16.23 -0.15 2.50
N GLN A 612 16.62 -1.20 1.77
CA GLN A 612 17.37 -1.03 0.53
C GLN A 612 16.42 -0.69 -0.62
N LEU A 613 15.28 -1.36 -0.65
CA LEU A 613 14.25 -1.15 -1.68
C LEU A 613 13.78 0.32 -1.81
N CYS A 614 13.74 1.02 -0.67
CA CYS A 614 13.27 2.40 -0.62
C CYS A 614 14.37 3.41 -0.94
N ARG A 615 15.61 3.10 -0.53
CA ARG A 615 16.77 3.95 -0.85
C ARG A 615 16.91 4.05 -2.38
N ASP A 616 16.60 2.95 -3.05
CA ASP A 616 16.56 2.90 -4.50
C ASP A 616 15.53 3.90 -5.06
N ALA A 617 14.31 3.83 -4.52
CA ALA A 617 13.19 4.63 -5.01
C ALA A 617 13.27 6.13 -4.64
N GLY A 618 14.44 6.56 -4.17
CA GLY A 618 14.65 7.97 -3.85
C GLY A 618 13.97 8.38 -2.57
N ILE A 619 14.11 7.54 -1.54
CA ILE A 619 13.45 7.78 -0.26
C ILE A 619 14.52 7.96 0.82
N ARG A 620 14.40 9.03 1.58
CA ARG A 620 15.36 9.37 2.62
C ARG A 620 14.79 8.95 3.98
N VAL A 621 15.29 7.86 4.55
CA VAL A 621 14.71 7.32 5.77
C VAL A 621 15.42 7.85 7.02
N ILE A 622 14.65 8.07 8.09
CA ILE A 622 15.21 8.49 9.39
C ILE A 622 14.53 7.75 10.55
N MET A 623 15.36 7.37 11.52
CA MET A 623 14.93 6.69 12.73
C MET A 623 14.75 7.75 13.83
N ILE A 624 13.63 7.67 14.55
CA ILE A 624 13.46 8.49 15.76
C ILE A 624 13.63 7.51 16.94
N THR A 625 14.87 7.38 17.40
CA THR A 625 15.21 6.37 18.41
C THR A 625 15.48 6.96 19.78
N GLY A 626 15.44 6.08 20.79
CA GLY A 626 15.69 6.46 22.19
C GLY A 626 17.06 6.07 22.72
N ASP A 627 17.70 5.11 22.06
CA ASP A 627 19.04 4.68 22.44
C ASP A 627 20.01 5.86 22.45
N ASN A 628 21.14 5.72 23.14
CA ASN A 628 22.15 6.78 23.17
C ASN A 628 22.87 6.91 21.83
N LYS A 629 23.34 8.12 21.52
CA LYS A 629 24.00 8.43 20.24
C LYS A 629 24.80 7.27 19.67
N GLY A 630 25.74 6.75 20.46
CA GLY A 630 26.55 5.62 20.03
C GLY A 630 25.68 4.44 19.65
N THR A 631 24.92 3.93 20.64
CA THR A 631 24.19 2.65 20.51
C THR A 631 23.02 2.70 19.53
N ALA A 632 22.45 3.90 19.36
CA ALA A 632 21.41 4.13 18.34
C ALA A 632 21.99 3.92 16.95
N ILE A 633 23.19 4.45 16.75
CA ILE A 633 23.90 4.31 15.49
C ILE A 633 24.17 2.84 15.17
N ALA A 634 24.58 2.08 16.19
CA ALA A 634 24.87 0.65 16.04
C ALA A 634 23.66 -0.11 15.52
N ILE A 635 22.45 0.31 15.94
CA ILE A 635 21.20 -0.30 15.44
C ILE A 635 20.96 0.14 14.00
N CYS A 636 21.30 1.39 13.66
CA CYS A 636 21.16 1.89 12.29
C CYS A 636 22.31 1.47 11.36
N ARG A 637 23.36 0.85 11.90
CA ARG A 637 24.36 0.18 11.07
C ARG A 637 24.09 -1.32 11.04
N ARG A 638 23.34 -1.82 12.02
CA ARG A 638 22.93 -3.22 12.05
C ARG A 638 21.95 -3.56 10.95
N ILE A 639 21.09 -2.59 10.64
CA ILE A 639 20.06 -2.76 9.64
C ILE A 639 20.63 -2.49 8.25
N GLY A 640 20.98 -1.24 7.98
CA GLY A 640 21.43 -0.84 6.64
C GLY A 640 21.48 0.66 6.38
N ILE A 641 20.74 1.42 7.19
CA ILE A 641 20.77 2.89 7.18
C ILE A 641 22.21 3.44 7.10
N PHE A 642 23.09 2.92 7.95
CA PHE A 642 24.54 3.15 7.83
C PHE A 642 25.20 1.88 7.32
N GLY A 643 26.37 2.03 6.70
CA GLY A 643 27.17 0.90 6.21
C GLY A 643 28.34 0.58 7.13
N GLU A 644 28.65 -0.71 7.28
CA GLU A 644 29.78 -1.18 8.09
C GLU A 644 30.86 -0.12 8.28
N ASN A 645 31.51 0.27 7.18
CA ASN A 645 32.53 1.32 7.19
C ASN A 645 32.13 2.51 6.31
N GLU A 646 31.71 3.57 6.98
CA GLU A 646 31.34 4.84 6.33
C GLU A 646 31.13 5.92 7.41
N GLU A 647 32.19 6.68 7.69
CA GLU A 647 32.14 7.77 8.68
C GLU A 647 30.82 8.55 8.60
N VAL A 648 30.16 8.69 9.75
CA VAL A 648 28.87 9.41 9.85
C VAL A 648 28.73 10.22 11.12
N ALA A 649 29.84 10.52 11.81
CA ALA A 649 29.79 11.28 13.06
C ALA A 649 29.34 12.74 12.85
N ASP A 650 29.08 13.11 11.59
CA ASP A 650 28.47 14.39 11.26
C ASP A 650 26.93 14.28 11.19
N ARG A 651 26.40 13.05 11.15
CA ARG A 651 24.98 12.84 10.82
C ARG A 651 24.12 12.31 11.97
N ALA A 652 24.74 11.76 13.01
CA ALA A 652 24.02 11.21 14.17
C ALA A 652 23.68 12.32 15.16
N TYR A 653 22.53 12.20 15.83
CA TYR A 653 22.04 13.29 16.69
C TYR A 653 21.45 12.86 18.04
N THR A 654 21.73 13.67 19.06
CA THR A 654 21.10 13.56 20.37
C THR A 654 20.66 14.94 20.82
N GLY A 655 19.63 14.95 21.66
CA GLY A 655 18.95 16.17 22.09
C GLY A 655 19.87 17.25 22.59
N ARG A 656 20.89 16.85 23.37
CA ARG A 656 21.91 17.77 23.80
C ARG A 656 22.33 18.60 22.59
N GLU A 657 22.82 17.88 21.57
CA GLU A 657 23.47 18.48 20.41
C GLU A 657 22.47 19.10 19.42
N PHE A 658 21.19 19.06 19.75
CA PHE A 658 20.13 19.46 18.82
C PHE A 658 19.57 20.84 19.16
N ASP A 659 19.23 21.05 20.43
CA ASP A 659 18.77 22.39 20.90
C ASP A 659 19.91 23.40 21.04
N ASP A 660 21.16 22.93 21.00
CA ASP A 660 22.32 23.80 21.03
C ASP A 660 22.42 24.62 19.73
N LEU A 661 22.52 23.90 18.61
CA LEU A 661 22.84 24.48 17.31
C LEU A 661 21.89 25.63 16.94
N PRO A 662 22.39 26.62 16.17
CA PRO A 662 21.56 27.73 15.75
C PRO A 662 20.53 27.31 14.71
N LEU A 663 19.37 27.94 14.75
CA LEU A 663 18.23 27.61 13.89
C LEU A 663 18.60 27.09 12.50
N ALA A 664 19.56 27.71 11.85
CA ALA A 664 19.95 27.30 10.50
C ALA A 664 20.71 25.97 10.49
N GLU A 665 21.63 25.79 11.44
CA GLU A 665 22.30 24.49 11.62
C GLU A 665 21.27 23.39 11.87
N GLN A 666 20.22 23.74 12.62
CA GLN A 666 19.13 22.80 12.94
C GLN A 666 18.32 22.47 11.68
N ARG A 667 18.35 23.38 10.71
CA ARG A 667 17.76 23.18 9.39
C ARG A 667 18.75 22.48 8.47
N GLU A 668 19.94 23.08 8.31
CA GLU A 668 21.00 22.54 7.44
C GLU A 668 21.43 21.11 7.77
N ALA A 669 21.59 20.81 9.05
CA ALA A 669 21.92 19.47 9.51
C ALA A 669 20.76 18.50 9.30
N CYS A 670 19.53 18.99 9.35
CA CYS A 670 18.35 18.11 9.30
C CYS A 670 18.09 17.53 7.91
N ARG A 671 18.43 18.27 6.86
CA ARG A 671 18.32 17.73 5.49
C ARG A 671 19.42 16.70 5.16
N ARG A 672 20.15 16.25 6.16
CA ARG A 672 21.22 15.25 5.96
C ARG A 672 21.42 14.24 7.13
N ALA A 673 20.44 14.11 8.02
CA ALA A 673 20.54 13.23 9.18
C ALA A 673 19.84 11.88 8.98
N CYS A 674 20.26 10.86 9.75
CA CYS A 674 19.58 9.55 9.79
C CYS A 674 19.11 9.11 11.18
N CYS A 675 19.86 9.43 12.24
CA CYS A 675 19.50 8.94 13.57
C CYS A 675 19.33 10.03 14.65
N PHE A 676 18.14 10.06 15.26
CA PHE A 676 17.79 10.98 16.34
C PHE A 676 17.74 10.23 17.66
N ALA A 677 18.89 10.09 18.33
CA ALA A 677 18.95 9.41 19.63
C ALA A 677 18.37 10.30 20.75
N ARG A 678 18.20 9.73 21.95
CA ARG A 678 17.73 10.47 23.12
C ARG A 678 17.16 11.83 22.72
N VAL A 679 16.02 11.79 22.05
CA VAL A 679 15.40 12.98 21.44
C VAL A 679 14.19 13.42 22.28
N GLU A 680 14.28 14.64 22.84
CA GLU A 680 13.20 15.21 23.66
C GLU A 680 11.83 15.16 22.97
N PRO A 681 10.74 15.05 23.75
CA PRO A 681 9.45 14.69 23.16
C PRO A 681 8.84 15.80 22.28
N SER A 682 9.41 17.00 22.30
CA SER A 682 8.94 18.09 21.43
C SER A 682 9.75 18.20 20.14
N HIS A 683 10.90 17.55 20.10
CA HIS A 683 11.79 17.69 18.95
C HIS A 683 11.09 17.30 17.65
N LYS A 684 10.29 16.26 17.70
CA LYS A 684 9.62 15.69 16.52
C LYS A 684 8.97 16.73 15.59
N SER A 685 8.28 17.71 16.17
CA SER A 685 7.64 18.77 15.38
C SER A 685 8.69 19.61 14.64
N LYS A 686 9.69 20.08 15.39
CA LYS A 686 10.75 20.98 14.88
C LYS A 686 11.47 20.32 13.71
N ILE A 687 11.70 19.02 13.84
CA ILE A 687 12.25 18.22 12.75
C ILE A 687 11.32 18.37 11.55
N VAL A 688 10.09 17.85 11.66
CA VAL A 688 9.12 17.94 10.57
C VAL A 688 9.26 19.30 9.87
N GLU A 689 8.99 20.37 10.61
CA GLU A 689 9.08 21.74 10.09
C GLU A 689 10.31 21.93 9.22
N TYR A 690 11.48 21.58 9.75
CA TYR A 690 12.74 21.71 9.01
C TYR A 690 12.72 20.85 7.75
N LEU A 691 12.32 19.58 7.90
CA LEU A 691 12.28 18.65 6.77
C LEU A 691 11.32 19.17 5.71
N GLN A 692 10.19 19.73 6.15
CA GLN A 692 9.21 20.35 5.24
C GLN A 692 9.79 21.57 4.52
N SER A 693 10.56 22.40 5.24
CA SER A 693 11.19 23.59 4.64
C SER A 693 12.23 23.20 3.59
N TYR A 694 12.38 21.89 3.35
CA TYR A 694 13.17 21.40 2.23
C TYR A 694 12.26 20.74 1.19
N ASP A 695 11.01 21.19 1.11
CA ASP A 695 10.00 20.64 0.17
C ASP A 695 9.85 19.12 0.27
N GLU A 696 10.33 18.54 1.36
CA GLU A 696 10.36 17.10 1.51
C GLU A 696 9.11 16.64 2.24
N ILE A 697 8.66 15.43 1.91
CA ILE A 697 7.39 14.91 2.36
C ILE A 697 7.58 13.87 3.47
N THR A 698 6.95 14.12 4.61
CA THR A 698 7.17 13.37 5.85
C THR A 698 6.29 12.13 5.97
N ALA A 699 6.70 11.17 6.80
CA ALA A 699 5.91 9.97 7.03
C ALA A 699 6.01 9.52 8.50
N MET A 700 5.77 10.47 9.39
CA MET A 700 5.94 10.25 10.82
C MET A 700 5.06 9.12 11.34
N THR A 701 5.63 8.20 12.11
CA THR A 701 4.86 7.22 12.89
C THR A 701 4.64 7.80 14.27
N GLY A 702 3.70 7.21 15.02
CA GLY A 702 3.36 7.69 16.37
C GLY A 702 2.59 6.70 17.20
N ASP A 703 2.37 7.03 18.47
CA ASP A 703 1.70 6.12 19.42
C ASP A 703 1.22 6.76 20.72
N GLY A 704 2.14 7.32 21.50
CA GLY A 704 1.79 7.97 22.76
C GLY A 704 1.25 9.37 22.52
N VAL A 705 0.32 9.80 23.37
CA VAL A 705 -0.28 11.14 23.30
C VAL A 705 0.50 12.20 22.50
N ASN A 706 1.76 12.44 22.88
CA ASN A 706 2.55 13.51 22.31
C ASN A 706 3.25 13.11 21.01
N ASP A 707 2.44 12.60 20.08
CA ASP A 707 2.86 12.33 18.71
C ASP A 707 1.93 13.05 17.73
N ALA A 708 0.63 13.11 18.05
CA ALA A 708 -0.35 13.86 17.24
C ALA A 708 0.17 15.21 16.68
N PRO A 709 0.81 16.05 17.54
CA PRO A 709 1.34 17.33 17.05
C PRO A 709 2.23 17.21 15.83
N ALA A 710 3.11 16.23 15.83
CA ALA A 710 3.95 15.95 14.66
C ALA A 710 3.10 15.32 13.54
N LEU A 711 2.35 14.28 13.88
CA LEU A 711 1.57 13.53 12.89
C LEU A 711 0.62 14.45 12.11
N LYS A 712 -0.11 15.29 12.84
CA LYS A 712 -1.06 16.21 12.20
C LYS A 712 -0.34 17.10 11.21
N LYS A 713 0.86 17.53 11.59
CA LYS A 713 1.67 18.46 10.82
C LYS A 713 2.26 17.80 9.57
N ALA A 714 2.79 16.60 9.74
CA ALA A 714 3.36 15.84 8.62
C ALA A 714 2.28 15.51 7.58
N GLU A 715 2.71 15.11 6.38
CA GLU A 715 1.80 14.82 5.27
C GLU A 715 1.05 13.49 5.43
N ILE A 716 1.78 12.40 5.69
CA ILE A 716 1.18 11.11 6.07
C ILE A 716 1.63 10.74 7.48
N GLY A 717 0.96 11.30 8.49
CA GLY A 717 1.19 10.88 9.86
C GLY A 717 0.75 9.44 9.99
N ILE A 718 1.51 8.62 10.69
CA ILE A 718 1.15 7.22 10.90
C ILE A 718 0.92 6.99 12.39
N ALA A 719 0.22 5.91 12.73
CA ALA A 719 -0.02 5.55 14.14
C ALA A 719 0.29 4.08 14.40
N MET A 720 0.46 3.75 15.68
CA MET A 720 0.64 2.34 16.08
C MET A 720 -0.67 1.75 16.53
N GLY A 721 -0.83 0.45 16.36
CA GLY A 721 -2.02 -0.24 16.82
C GLY A 721 -2.15 -0.18 18.33
N SER A 722 -1.11 -0.67 19.00
CA SER A 722 -1.03 -0.61 20.47
C SER A 722 -0.94 0.82 20.96
N GLY A 723 -0.50 1.72 20.08
CA GLY A 723 -0.63 3.17 20.27
C GLY A 723 -2.10 3.54 20.42
N THR A 724 -2.37 4.60 21.18
CA THR A 724 -3.75 4.98 21.53
C THR A 724 -4.52 5.56 20.33
N ALA A 725 -5.79 5.89 20.55
CA ALA A 725 -6.65 6.39 19.48
C ALA A 725 -6.52 7.91 19.24
N VAL A 726 -6.10 8.67 20.25
CA VAL A 726 -5.73 10.08 20.05
C VAL A 726 -4.81 10.22 18.83
N ALA A 727 -3.94 9.23 18.65
CA ALA A 727 -2.97 9.20 17.56
C ALA A 727 -3.54 8.64 16.24
N LYS A 728 -4.47 7.68 16.34
CA LYS A 728 -5.15 7.17 15.14
C LYS A 728 -6.17 8.18 14.58
N THR A 729 -6.49 9.22 15.36
CA THR A 729 -7.27 10.36 14.90
C THR A 729 -6.40 11.37 14.15
N ALA A 730 -5.24 11.68 14.72
CA ALA A 730 -4.32 12.68 14.20
C ALA A 730 -3.49 12.20 13.00
N SER A 731 -3.64 10.93 12.64
CA SER A 731 -2.82 10.32 11.61
C SER A 731 -3.53 10.28 10.27
N GLU A 732 -2.79 9.82 9.27
CA GLU A 732 -3.32 9.56 7.94
C GLU A 732 -3.25 8.06 7.59
N MET A 733 -2.36 7.34 8.25
CA MET A 733 -2.25 5.89 8.07
C MET A 733 -2.02 5.25 9.42
N VAL A 734 -2.66 4.11 9.63
CA VAL A 734 -2.55 3.38 10.86
C VAL A 734 -1.83 2.08 10.56
N LEU A 735 -0.62 1.93 11.06
CA LEU A 735 0.10 0.66 10.94
C LEU A 735 -0.55 -0.35 11.88
N ALA A 736 -1.43 -1.18 11.32
CA ALA A 736 -2.04 -2.27 12.07
C ALA A 736 -1.02 -3.33 12.47
N ASP A 737 0.21 -3.22 11.96
CA ASP A 737 1.32 -4.07 12.40
C ASP A 737 2.27 -3.37 13.38
N ASP A 738 2.47 -2.06 13.18
CA ASP A 738 3.53 -1.25 13.82
C ASP A 738 4.79 -1.14 12.97
N ASN A 739 4.93 -1.99 11.95
CA ASN A 739 6.22 -2.19 11.27
C ASN A 739 6.56 -1.10 10.25
N PHE A 740 7.86 -0.81 10.13
CA PHE A 740 8.40 0.07 9.10
C PHE A 740 8.05 -0.49 7.72
N SER A 741 8.20 -1.80 7.56
CA SER A 741 7.91 -2.50 6.30
C SER A 741 6.50 -2.29 5.76
N THR A 742 5.51 -2.38 6.64
CA THR A 742 4.10 -2.22 6.25
C THR A 742 3.82 -0.80 5.71
N ILE A 743 4.60 0.19 6.16
CA ILE A 743 4.55 1.55 5.57
C ILE A 743 5.03 1.49 4.12
N VAL A 744 6.08 0.69 3.90
CA VAL A 744 6.67 0.48 2.58
C VAL A 744 5.71 -0.25 1.67
N ALA A 745 5.13 -1.33 2.18
CA ALA A 745 4.06 -2.04 1.48
C ALA A 745 2.87 -1.11 1.12
N ALA A 746 2.84 0.07 1.73
CA ALA A 746 1.82 1.09 1.46
C ALA A 746 2.28 2.12 0.41
N VAL A 747 3.47 2.70 0.60
CA VAL A 747 4.02 3.67 -0.37
C VAL A 747 4.14 2.97 -1.72
N GLU A 748 4.67 1.75 -1.71
CA GLU A 748 4.84 0.97 -2.93
C GLU A 748 3.52 0.70 -3.65
N GLU A 749 2.43 0.51 -2.89
CA GLU A 749 1.12 0.28 -3.50
C GLU A 749 0.56 1.59 -4.00
N GLY A 750 0.39 2.56 -3.10
CA GLY A 750 -0.10 3.90 -3.46
C GLY A 750 0.58 4.48 -4.69
N ARG A 751 1.84 4.12 -4.89
CA ARG A 751 2.55 4.43 -6.12
C ARG A 751 2.04 3.64 -7.31
N ALA A 752 1.79 2.35 -7.13
CA ALA A 752 1.34 1.50 -8.24
C ALA A 752 0.11 2.05 -8.92
N ILE A 753 -0.82 2.59 -8.13
CA ILE A 753 -2.09 3.10 -8.65
C ILE A 753 -1.82 4.34 -9.49
N TYR A 754 -0.79 5.09 -9.10
CA TYR A 754 -0.35 6.25 -9.87
C TYR A 754 0.20 5.86 -11.24
N ASN A 755 0.90 4.74 -11.32
CA ASN A 755 1.43 4.26 -12.59
C ASN A 755 0.32 3.66 -13.48
N ASN A 756 -0.64 2.95 -12.88
CA ASN A 756 -1.81 2.47 -13.62
C ASN A 756 -2.73 3.58 -14.16
N MET A 757 -2.86 4.67 -13.42
CA MET A 757 -3.63 5.82 -13.90
C MET A 757 -2.97 6.48 -15.11
N LYS A 758 -1.65 6.60 -15.05
CA LYS A 758 -0.88 7.26 -16.10
C LYS A 758 -0.77 6.41 -17.36
N GLN A 759 -1.24 5.17 -17.30
CA GLN A 759 -1.32 4.29 -18.47
C GLN A 759 -2.74 4.25 -19.03
N PHE A 760 -3.72 3.99 -18.17
CA PHE A 760 -5.15 3.98 -18.53
C PHE A 760 -5.53 5.15 -19.45
N ILE A 761 -4.91 6.30 -19.23
CA ILE A 761 -5.10 7.46 -20.09
C ILE A 761 -4.11 7.47 -21.26
N ARG A 762 -2.87 7.03 -21.02
CA ARG A 762 -1.85 6.97 -22.08
C ARG A 762 -2.34 6.17 -23.28
N TYR A 763 -3.10 5.11 -23.00
CA TYR A 763 -3.75 4.33 -24.04
C TYR A 763 -4.78 5.17 -24.77
N LEU A 764 -5.75 5.68 -24.01
CA LEU A 764 -6.84 6.50 -24.58
C LEU A 764 -6.34 7.65 -25.43
N ILE A 765 -5.58 8.55 -24.80
CA ILE A 765 -5.11 9.77 -25.45
C ILE A 765 -4.40 9.41 -26.74
N SER A 766 -3.24 8.76 -26.61
CA SER A 766 -2.41 8.43 -27.77
C SER A 766 -3.23 7.78 -28.88
N SER A 767 -4.01 6.77 -28.52
CA SER A 767 -4.83 6.06 -29.50
C SER A 767 -5.87 6.96 -30.13
N ASN A 768 -6.63 7.70 -29.32
CA ASN A 768 -7.66 8.63 -29.82
C ASN A 768 -7.09 9.87 -30.53
N VAL A 769 -5.82 10.19 -30.25
CA VAL A 769 -5.11 11.25 -30.96
C VAL A 769 -5.09 10.91 -32.44
N GLY A 770 -4.47 9.78 -32.76
CA GLY A 770 -4.37 9.32 -34.14
C GLY A 770 -5.69 9.32 -34.86
N GLU A 771 -6.76 8.92 -34.18
CA GLU A 771 -8.10 8.82 -34.77
C GLU A 771 -8.59 10.09 -35.42
N VAL A 772 -8.34 11.24 -34.80
CA VAL A 772 -8.85 12.49 -35.34
C VAL A 772 -7.95 12.98 -36.49
N VAL A 773 -6.63 12.97 -36.28
CA VAL A 773 -5.71 13.31 -37.38
C VAL A 773 -5.90 12.36 -38.56
N CYS A 774 -6.44 11.17 -38.27
CA CYS A 774 -6.85 10.20 -39.30
C CYS A 774 -7.89 10.77 -40.28
N ILE A 775 -8.58 11.84 -39.88
CA ILE A 775 -9.46 12.59 -40.80
C ILE A 775 -8.73 13.82 -41.36
N PHE A 776 -7.88 14.44 -40.56
CA PHE A 776 -7.09 15.59 -41.04
C PHE A 776 -6.17 15.18 -42.19
N LEU A 777 -5.30 14.20 -41.94
CA LEU A 777 -4.31 13.74 -42.95
C LEU A 777 -4.94 13.58 -44.33
N THR A 778 -5.94 12.70 -44.42
CA THR A 778 -6.63 12.40 -45.70
C THR A 778 -7.37 13.61 -46.27
N ALA A 779 -8.00 14.40 -45.40
CA ALA A 779 -8.69 15.61 -45.84
C ALA A 779 -7.72 16.70 -46.28
N ALA A 780 -6.49 16.64 -45.76
CA ALA A 780 -5.45 17.59 -46.14
C ALA A 780 -4.97 17.35 -47.57
N LEU A 781 -4.62 16.10 -47.85
CA LEU A 781 -4.02 15.72 -49.13
C LEU A 781 -5.08 15.57 -50.22
N GLY A 782 -6.26 15.09 -49.84
CA GLY A 782 -7.35 14.85 -50.78
C GLY A 782 -7.89 13.43 -50.77
N LEU A 783 -7.19 12.53 -50.07
CA LEU A 783 -7.61 11.13 -49.93
C LEU A 783 -9.08 10.99 -49.54
N PRO A 784 -9.69 9.82 -49.84
CA PRO A 784 -11.06 9.59 -49.38
C PRO A 784 -11.16 9.49 -47.86
N GLU A 785 -12.30 9.91 -47.33
CA GLU A 785 -12.62 9.78 -45.92
C GLU A 785 -13.21 8.39 -45.72
N ALA A 786 -12.34 7.40 -45.45
CA ALA A 786 -12.75 6.01 -45.47
C ALA A 786 -13.56 5.61 -44.23
N LEU A 787 -14.54 6.43 -43.86
CA LEU A 787 -15.35 6.20 -42.67
C LEU A 787 -16.77 6.78 -42.82
N ILE A 788 -17.64 6.39 -41.88
CA ILE A 788 -18.99 6.91 -41.77
C ILE A 788 -19.38 6.88 -40.28
N PRO A 789 -20.22 7.85 -39.84
CA PRO A 789 -20.53 8.08 -38.44
C PRO A 789 -20.56 6.82 -37.57
N VAL A 790 -21.30 5.80 -38.01
CA VAL A 790 -21.38 4.53 -37.29
C VAL A 790 -20.00 3.89 -37.10
N GLN A 791 -19.15 3.98 -38.12
CA GLN A 791 -17.81 3.44 -38.01
C GLN A 791 -17.01 4.24 -36.99
N LEU A 792 -17.27 5.54 -36.90
CA LEU A 792 -16.62 6.40 -35.91
C LEU A 792 -17.12 6.09 -34.49
N LEU A 793 -18.39 5.70 -34.37
CA LEU A 793 -18.95 5.21 -33.11
C LEU A 793 -18.39 3.82 -32.77
N TRP A 794 -18.19 3.00 -33.79
CA TRP A 794 -17.68 1.65 -33.61
C TRP A 794 -16.31 1.64 -32.93
N VAL A 795 -15.45 2.57 -33.34
CA VAL A 795 -14.10 2.70 -32.78
C VAL A 795 -14.15 3.07 -31.30
N ASN A 796 -15.17 3.85 -30.93
CA ASN A 796 -15.36 4.26 -29.53
C ASN A 796 -15.76 3.11 -28.61
N LEU A 797 -16.70 2.25 -29.06
CA LEU A 797 -17.12 1.11 -28.25
C LEU A 797 -16.03 0.06 -28.13
N VAL A 798 -15.42 -0.28 -29.26
CA VAL A 798 -14.39 -1.33 -29.33
C VAL A 798 -13.14 -0.98 -28.51
N THR A 799 -12.55 0.18 -28.79
CA THR A 799 -11.24 0.51 -28.25
C THR A 799 -11.30 1.22 -26.90
N ASP A 800 -12.06 2.31 -26.80
CA ASP A 800 -12.07 3.12 -25.57
C ASP A 800 -12.66 2.38 -24.35
N GLY A 801 -13.50 1.37 -24.57
CA GLY A 801 -14.29 0.78 -23.48
C GLY A 801 -13.60 -0.23 -22.59
N LEU A 802 -13.43 -1.47 -23.09
CA LEU A 802 -13.08 -2.62 -22.25
C LEU A 802 -11.57 -2.84 -22.07
N PRO A 803 -10.80 -2.86 -23.16
CA PRO A 803 -9.35 -2.84 -22.96
C PRO A 803 -8.88 -1.71 -22.04
N ALA A 804 -9.56 -0.56 -22.11
CA ALA A 804 -9.27 0.57 -21.21
C ALA A 804 -9.47 0.13 -19.76
N THR A 805 -10.63 -0.49 -19.50
CA THR A 805 -10.95 -1.03 -18.19
C THR A 805 -9.88 -2.00 -17.68
N ALA A 806 -9.25 -2.75 -18.58
CA ALA A 806 -8.22 -3.71 -18.19
C ALA A 806 -6.86 -3.10 -17.88
N LEU A 807 -6.65 -1.86 -18.33
CA LEU A 807 -5.40 -1.15 -18.06
C LEU A 807 -5.34 -0.74 -16.57
N GLY A 808 -6.51 -0.63 -15.93
CA GLY A 808 -6.60 -0.35 -14.50
C GLY A 808 -6.54 -1.58 -13.60
N PHE A 809 -6.35 -2.75 -14.21
CA PHE A 809 -6.23 -4.00 -13.47
C PHE A 809 -4.82 -4.57 -13.66
N ASN A 810 -3.82 -3.72 -13.53
CA ASN A 810 -2.44 -4.10 -13.82
C ASN A 810 -1.58 -4.37 -12.59
N PRO A 811 -0.75 -5.43 -12.66
CA PRO A 811 0.31 -5.70 -11.70
C PRO A 811 1.36 -4.58 -11.58
N PRO A 812 2.36 -4.76 -10.68
CA PRO A 812 3.41 -3.76 -10.50
C PRO A 812 4.53 -3.87 -11.53
N ASP A 813 4.87 -2.74 -12.13
CA ASP A 813 5.98 -2.67 -13.08
C ASP A 813 7.29 -3.07 -12.39
N LEU A 814 8.17 -3.73 -13.13
CA LEU A 814 9.47 -4.16 -12.59
C LEU A 814 10.13 -3.03 -11.84
N ASP A 815 10.12 -1.85 -12.45
CA ASP A 815 10.77 -0.66 -11.90
C ASP A 815 9.79 0.18 -11.09
N ILE A 816 9.04 -0.46 -10.19
CA ILE A 816 8.11 0.23 -9.30
C ILE A 816 8.82 1.12 -8.27
N MET A 817 9.92 0.64 -7.70
CA MET A 817 10.63 1.35 -6.62
C MET A 817 12.13 1.55 -6.86
N ASP A 818 12.53 1.81 -8.10
CA ASP A 818 13.90 2.29 -8.38
C ASP A 818 13.86 3.75 -8.80
N ARG A 819 12.75 4.15 -9.41
CA ARG A 819 12.66 5.48 -9.98
C ARG A 819 12.43 6.52 -8.89
N PRO A 820 12.91 7.75 -9.09
CA PRO A 820 12.76 8.81 -8.10
C PRO A 820 11.29 9.16 -7.90
N PRO A 821 10.97 9.97 -6.88
CA PRO A 821 9.57 10.28 -6.58
C PRO A 821 9.03 11.37 -7.48
N ARG A 822 7.72 11.46 -7.57
CA ARG A 822 7.08 12.64 -8.19
C ARG A 822 6.95 13.74 -7.14
N SER A 823 7.58 14.90 -7.37
CA SER A 823 7.30 16.08 -6.56
C SER A 823 5.89 16.53 -6.93
N PRO A 824 4.99 16.66 -5.94
CA PRO A 824 3.57 16.89 -6.20
C PRO A 824 3.18 18.03 -7.17
N LYS A 825 4.06 19.01 -7.38
CA LYS A 825 3.75 20.11 -8.30
C LYS A 825 4.10 19.80 -9.78
N GLU A 826 4.69 18.64 -10.05
CA GLU A 826 5.07 18.23 -11.41
C GLU A 826 3.83 17.78 -12.18
N PRO A 827 3.54 18.41 -13.34
CA PRO A 827 2.26 18.16 -14.03
C PRO A 827 1.96 16.72 -14.47
N LEU A 828 0.76 16.54 -15.03
CA LEU A 828 0.22 15.23 -15.45
C LEU A 828 0.85 14.69 -16.73
N ILE A 829 1.39 15.60 -17.54
CA ILE A 829 2.11 15.21 -18.74
C ILE A 829 3.43 15.97 -18.90
N SER A 830 4.49 15.19 -19.12
CA SER A 830 5.85 15.69 -19.30
C SER A 830 6.19 15.80 -20.80
N GLY A 831 7.09 16.71 -21.14
CA GLY A 831 7.46 16.97 -22.53
C GLY A 831 7.74 15.74 -23.39
N TRP A 832 8.67 14.89 -22.95
CA TRP A 832 9.02 13.66 -23.69
C TRP A 832 7.83 12.72 -23.75
N LEU A 833 7.04 12.67 -22.68
CA LEU A 833 5.85 11.85 -22.67
C LEU A 833 4.80 12.47 -23.60
N PHE A 834 4.78 13.80 -23.65
CA PHE A 834 3.85 14.54 -24.50
C PHE A 834 4.13 14.30 -26.00
N PHE A 835 5.42 14.27 -26.34
CA PHE A 835 5.85 13.78 -27.63
C PHE A 835 5.40 12.31 -27.77
N ARG A 836 5.78 11.46 -26.81
CA ARG A 836 5.37 10.04 -26.81
C ARG A 836 3.83 9.89 -26.97
N TYR A 837 3.10 10.84 -26.40
CA TYR A 837 1.65 10.89 -26.57
C TYR A 837 1.30 11.08 -28.04
N MET A 838 1.80 12.17 -28.64
CA MET A 838 1.51 12.47 -30.05
C MET A 838 2.33 11.59 -31.00
N ALA A 839 3.42 11.02 -30.52
CA ALA A 839 4.24 10.14 -31.36
C ALA A 839 3.45 8.88 -31.64
N ILE A 840 2.98 8.25 -30.56
CA ILE A 840 2.19 7.04 -30.68
C ILE A 840 0.93 7.34 -31.49
N GLY A 841 0.29 8.46 -31.19
CA GLY A 841 -0.86 8.86 -31.98
C GLY A 841 -0.43 9.03 -33.42
N GLY A 842 0.59 9.87 -33.61
CA GLY A 842 1.11 10.15 -34.93
C GLY A 842 1.05 8.94 -35.85
N TYR A 843 1.42 7.78 -35.30
CA TYR A 843 1.54 6.55 -36.07
C TYR A 843 0.24 5.73 -36.15
N VAL A 844 -0.41 5.51 -35.00
CA VAL A 844 -1.66 4.70 -34.98
C VAL A 844 -2.79 5.34 -35.79
N GLY A 845 -2.69 6.66 -36.00
CA GLY A 845 -3.58 7.38 -36.90
C GLY A 845 -3.09 7.32 -38.34
N ALA A 846 -1.77 7.31 -38.52
CA ALA A 846 -1.15 7.22 -39.85
C ALA A 846 -1.21 5.80 -40.45
N ALA A 847 -1.25 4.79 -39.59
CA ALA A 847 -1.45 3.41 -40.05
C ALA A 847 -2.85 3.22 -40.61
N THR A 848 -3.81 3.94 -40.02
CA THR A 848 -5.23 3.73 -40.31
C THR A 848 -5.57 4.06 -41.77
N VAL A 849 -5.36 5.31 -42.16
CA VAL A 849 -5.60 5.75 -43.54
C VAL A 849 -4.58 5.11 -44.49
N GLY A 850 -3.39 4.85 -43.97
CA GLY A 850 -2.40 4.09 -44.70
C GLY A 850 -3.05 2.85 -45.30
N ALA A 851 -3.52 1.96 -44.42
CA ALA A 851 -4.16 0.72 -44.84
C ALA A 851 -5.28 0.93 -45.85
N ALA A 852 -6.04 2.02 -45.68
CA ALA A 852 -7.06 2.42 -46.66
C ALA A 852 -6.39 2.84 -47.99
N ALA A 853 -5.35 3.66 -47.90
CA ALA A 853 -4.66 4.16 -49.09
C ALA A 853 -3.91 3.06 -49.83
N TRP A 854 -3.32 2.12 -49.08
CA TRP A 854 -2.64 0.94 -49.64
C TRP A 854 -3.55 0.11 -50.58
N TRP A 855 -4.85 0.10 -50.28
CA TRP A 855 -5.82 -0.60 -51.12
C TRP A 855 -6.00 0.07 -52.48
N PHE A 856 -6.36 1.35 -52.49
CA PHE A 856 -6.49 2.10 -53.74
C PHE A 856 -5.15 2.20 -54.46
N MET A 857 -4.10 2.54 -53.73
CA MET A 857 -2.76 2.75 -54.30
C MET A 857 -2.07 1.44 -54.70
N TYR A 858 -1.19 0.94 -53.83
CA TYR A 858 -0.33 -0.20 -54.16
C TYR A 858 -0.92 -1.48 -53.59
N ALA A 859 -1.94 -2.01 -54.27
CA ALA A 859 -2.65 -3.18 -53.79
C ALA A 859 -1.97 -4.49 -54.19
N GLU A 860 -2.13 -5.50 -53.33
CA GLU A 860 -1.66 -6.86 -53.60
C GLU A 860 -2.87 -7.77 -53.71
N ASP A 861 -2.94 -8.51 -54.82
CA ASP A 861 -4.02 -9.48 -55.06
C ASP A 861 -5.41 -8.85 -54.86
N GLY A 862 -5.58 -7.63 -55.36
CA GLY A 862 -6.83 -6.89 -55.22
C GLY A 862 -7.17 -6.08 -56.46
N PRO A 863 -8.44 -5.65 -56.59
CA PRO A 863 -8.89 -4.87 -57.73
C PRO A 863 -8.54 -3.38 -57.61
N GLY A 864 -8.38 -2.72 -58.76
CA GLY A 864 -8.06 -1.30 -58.81
C GLY A 864 -6.60 -1.04 -59.09
N VAL A 865 -5.83 -0.87 -58.02
CA VAL A 865 -4.38 -0.62 -58.10
C VAL A 865 -4.09 0.71 -58.82
N THR A 866 -4.41 1.82 -58.17
CA THR A 866 -4.16 3.16 -58.72
C THR A 866 -3.12 3.88 -57.87
N TYR A 867 -1.85 3.58 -58.11
CA TYR A 867 -0.75 4.17 -57.35
C TYR A 867 -0.55 5.66 -57.63
N HIS A 868 -1.17 6.16 -58.71
CA HIS A 868 -1.05 7.56 -59.09
C HIS A 868 -1.95 8.45 -58.19
N GLN A 869 -2.26 9.66 -58.67
CA GLN A 869 -3.02 10.65 -57.91
C GLN A 869 -4.42 10.20 -57.49
N LEU A 870 -4.70 10.28 -56.19
CA LEU A 870 -6.04 10.04 -55.64
C LEU A 870 -6.63 11.31 -55.00
N THR A 871 -5.93 12.44 -55.12
CA THR A 871 -6.34 13.70 -54.48
C THR A 871 -7.61 14.26 -55.10
N HIS A 872 -7.52 14.71 -56.35
CA HIS A 872 -8.69 15.27 -57.04
C HIS A 872 -9.55 14.14 -57.60
N PHE A 873 -10.05 13.30 -56.70
CA PHE A 873 -10.83 12.11 -57.07
C PHE A 873 -12.21 12.54 -57.56
N MET A 874 -12.64 13.73 -57.15
CA MET A 874 -13.93 14.28 -57.54
C MET A 874 -13.97 14.81 -58.97
N GLN A 875 -12.82 14.80 -59.65
CA GLN A 875 -12.73 15.15 -61.07
C GLN A 875 -12.59 13.90 -61.96
N CYS A 876 -12.95 12.74 -61.43
CA CYS A 876 -12.85 11.47 -62.18
C CYS A 876 -13.91 11.38 -63.28
N THR A 877 -15.10 11.91 -62.99
CA THR A 877 -16.18 12.00 -63.98
C THR A 877 -15.94 13.17 -64.95
N GLU A 878 -15.17 14.17 -64.51
CA GLU A 878 -14.76 15.29 -65.37
C GLU A 878 -13.81 14.82 -66.47
N ASP A 879 -12.81 14.02 -66.08
CA ASP A 879 -11.80 13.52 -67.00
C ASP A 879 -11.64 12.01 -66.85
N HIS A 880 -12.32 11.25 -67.72
CA HIS A 880 -12.37 9.79 -67.63
C HIS A 880 -11.43 8.99 -68.55
N PRO A 881 -10.56 9.66 -69.34
CA PRO A 881 -9.58 8.84 -70.09
C PRO A 881 -8.30 8.48 -69.29
N HIS A 882 -8.34 8.61 -67.97
CA HIS A 882 -7.18 8.37 -67.11
C HIS A 882 -7.19 6.97 -66.50
N PHE A 883 -8.38 6.48 -66.15
CA PHE A 883 -8.52 5.16 -65.52
C PHE A 883 -8.30 4.04 -66.52
N GLU A 884 -7.91 2.87 -66.01
CA GLU A 884 -7.71 1.68 -66.83
C GLU A 884 -8.58 0.52 -66.33
N GLY A 885 -9.81 0.45 -66.86
CA GLY A 885 -10.72 -0.66 -66.57
C GLY A 885 -11.24 -0.69 -65.14
N LEU A 886 -11.73 0.46 -64.68
CA LEU A 886 -12.36 0.58 -63.35
C LEU A 886 -13.25 1.83 -63.30
N ASP A 887 -14.37 1.73 -62.61
CA ASP A 887 -15.33 2.84 -62.53
C ASP A 887 -14.84 3.90 -61.53
N CYS A 888 -15.28 5.14 -61.71
CA CYS A 888 -15.00 6.21 -60.75
C CYS A 888 -15.68 5.95 -59.40
N GLU A 889 -16.78 5.20 -59.43
CA GLU A 889 -17.56 4.89 -58.22
C GLU A 889 -16.84 3.93 -57.27
N ILE A 890 -15.87 3.18 -57.80
CA ILE A 890 -15.14 2.15 -57.04
C ILE A 890 -14.74 2.60 -55.63
N PHE A 891 -14.40 3.88 -55.47
CA PHE A 891 -13.97 4.43 -54.19
C PHE A 891 -15.06 4.62 -53.12
N GLU A 892 -16.32 4.44 -53.49
CA GLU A 892 -17.42 4.46 -52.51
C GLU A 892 -17.74 3.06 -51.96
N ALA A 893 -16.99 2.04 -52.40
CA ALA A 893 -17.20 0.66 -51.94
C ALA A 893 -16.66 0.50 -50.51
N PRO A 894 -17.14 -0.54 -49.79
CA PRO A 894 -16.76 -0.74 -48.39
C PRO A 894 -15.42 -1.44 -48.15
N GLU A 895 -14.69 -1.76 -49.22
CA GLU A 895 -13.47 -2.58 -49.11
C GLU A 895 -12.31 -1.87 -48.37
N PRO A 896 -11.93 -0.66 -48.81
CA PRO A 896 -10.90 0.07 -48.08
C PRO A 896 -11.37 0.49 -46.68
N MET A 897 -12.64 0.87 -46.57
CA MET A 897 -13.21 1.25 -45.29
C MET A 897 -13.00 0.11 -44.30
N THR A 898 -13.30 -1.12 -44.74
CA THR A 898 -13.11 -2.32 -43.92
C THR A 898 -11.68 -2.34 -43.38
N MET A 899 -10.72 -2.34 -44.30
CA MET A 899 -9.31 -2.47 -43.95
C MET A 899 -8.86 -1.44 -42.91
N ALA A 900 -9.03 -0.16 -43.23
CA ALA A 900 -8.55 0.92 -42.37
C ALA A 900 -9.19 0.86 -40.99
N LEU A 901 -10.53 0.87 -40.96
CA LEU A 901 -11.28 0.75 -39.70
C LEU A 901 -10.95 -0.54 -38.95
N SER A 902 -10.63 -1.59 -39.69
CA SER A 902 -10.08 -2.82 -39.10
C SER A 902 -8.65 -2.59 -38.56
N VAL A 903 -7.83 -1.85 -39.29
CA VAL A 903 -6.51 -1.47 -38.78
C VAL A 903 -6.65 -0.47 -37.63
N LEU A 904 -7.69 0.37 -37.67
CA LEU A 904 -7.92 1.35 -36.60
C LEU A 904 -8.18 0.66 -35.27
N VAL A 905 -9.00 -0.39 -35.33
CA VAL A 905 -9.30 -1.20 -34.15
C VAL A 905 -8.16 -2.16 -33.81
N THR A 906 -7.59 -2.81 -34.81
CA THR A 906 -6.51 -3.79 -34.57
C THR A 906 -5.30 -3.20 -33.82
N ILE A 907 -4.82 -2.05 -34.28
CA ILE A 907 -3.57 -1.44 -33.76
C ILE A 907 -3.68 -0.86 -32.34
N GLU A 908 -4.86 -0.34 -31.99
CA GLU A 908 -5.08 0.24 -30.65
C GLU A 908 -5.15 -0.84 -29.58
N MET A 909 -5.40 -2.09 -29.98
CA MET A 909 -5.46 -3.21 -29.03
C MET A 909 -4.10 -3.53 -28.44
N CYS A 910 -3.10 -3.73 -29.32
CA CYS A 910 -1.73 -3.98 -28.87
C CYS A 910 -1.10 -2.72 -28.28
N ASN A 911 -1.73 -1.57 -28.53
CA ASN A 911 -1.33 -0.30 -27.91
C ASN A 911 -1.55 -0.35 -26.38
N ALA A 912 -2.52 -1.16 -25.95
CA ALA A 912 -2.73 -1.41 -24.53
C ALA A 912 -1.61 -2.25 -23.95
N LEU A 913 -1.10 -3.21 -24.71
CA LEU A 913 0.04 -4.04 -24.26
C LEU A 913 1.21 -3.13 -23.94
N ASN A 914 1.55 -2.28 -24.91
CA ASN A 914 2.47 -1.20 -24.70
C ASN A 914 2.17 -0.54 -23.35
N SER A 915 0.92 -0.11 -23.18
CA SER A 915 0.46 0.56 -21.97
C SER A 915 0.42 -0.32 -20.69
N LEU A 916 0.67 -1.62 -20.80
CA LEU A 916 0.78 -2.47 -19.61
C LEU A 916 1.83 -1.95 -18.63
N SER A 917 3.01 -1.61 -19.15
CA SER A 917 4.08 -1.06 -18.34
C SER A 917 4.51 0.28 -18.92
N GLU A 918 4.66 1.30 -18.07
CA GLU A 918 5.05 2.62 -18.54
C GLU A 918 6.44 2.57 -19.19
N ASN A 919 7.33 1.71 -18.67
CA ASN A 919 8.73 1.67 -19.15
C ASN A 919 9.39 0.30 -19.37
N GLN A 920 8.69 -0.80 -19.10
CA GLN A 920 9.30 -2.15 -19.18
C GLN A 920 8.80 -2.96 -20.38
N SER A 921 9.73 -3.52 -21.13
CA SER A 921 9.44 -4.13 -22.45
C SER A 921 8.41 -5.24 -22.45
N LEU A 922 7.85 -5.54 -23.63
CA LEU A 922 6.98 -6.71 -23.82
C LEU A 922 7.69 -8.01 -23.43
N MET A 923 9.00 -8.04 -23.58
CA MET A 923 9.81 -9.12 -23.01
C MET A 923 9.84 -8.99 -21.49
N ARG A 924 9.87 -7.75 -21.01
CA ARG A 924 9.95 -7.49 -19.58
C ARG A 924 8.58 -7.56 -18.87
N MET A 925 7.54 -7.09 -19.55
CA MET A 925 6.17 -7.18 -19.05
C MET A 925 5.22 -7.71 -20.16
N PRO A 926 5.38 -8.98 -20.53
CA PRO A 926 4.60 -9.62 -21.60
C PRO A 926 3.09 -9.38 -21.50
N PRO A 927 2.35 -9.66 -22.57
CA PRO A 927 0.90 -9.42 -22.58
C PRO A 927 0.15 -10.26 -21.54
N TRP A 928 0.70 -11.41 -21.20
CA TRP A 928 0.09 -12.32 -20.22
C TRP A 928 0.30 -11.94 -18.75
N VAL A 929 1.00 -10.84 -18.49
CA VAL A 929 1.06 -10.27 -17.15
C VAL A 929 -0.37 -9.89 -16.71
N ASN A 930 -1.11 -9.28 -17.64
CA ASN A 930 -2.49 -8.89 -17.41
C ASN A 930 -3.45 -9.81 -18.17
N ILE A 931 -4.10 -10.72 -17.45
CA ILE A 931 -5.09 -11.62 -18.04
C ILE A 931 -6.37 -10.83 -18.34
N TRP A 932 -6.66 -9.84 -17.49
CA TRP A 932 -7.83 -8.97 -17.68
C TRP A 932 -7.76 -8.13 -18.96
N LEU A 933 -6.55 -7.86 -19.45
CA LEU A 933 -6.35 -7.20 -20.75
C LEU A 933 -6.48 -8.22 -21.89
N LEU A 934 -5.75 -9.35 -21.77
CA LEU A 934 -5.80 -10.44 -22.77
C LEU A 934 -7.21 -11.00 -22.99
N GLY A 935 -8.09 -10.76 -22.03
CA GLY A 935 -9.52 -11.03 -22.20
C GLY A 935 -10.18 -9.92 -22.98
N SER A 936 -9.92 -8.68 -22.57
CA SER A 936 -10.49 -7.51 -23.22
C SER A 936 -10.22 -7.50 -24.73
N ILE A 937 -9.08 -8.06 -25.11
CA ILE A 937 -8.66 -8.06 -26.51
C ILE A 937 -9.54 -9.03 -27.30
N CYS A 938 -9.49 -10.31 -26.93
CA CYS A 938 -10.23 -11.35 -27.65
C CYS A 938 -11.71 -10.98 -27.79
N LEU A 939 -12.32 -10.55 -26.69
CA LEU A 939 -13.69 -10.06 -26.69
C LEU A 939 -13.94 -9.17 -27.89
N SER A 940 -13.32 -7.99 -27.90
CA SER A 940 -13.51 -7.02 -28.99
C SER A 940 -13.17 -7.64 -30.35
N MET A 941 -12.22 -8.58 -30.38
CA MET A 941 -11.91 -9.34 -31.61
C MET A 941 -13.15 -10.13 -32.06
N SER A 942 -13.74 -10.88 -31.14
CA SER A 942 -15.01 -11.54 -31.44
C SER A 942 -15.99 -10.52 -32.02
N LEU A 943 -16.18 -9.41 -31.31
CA LEU A 943 -17.13 -8.36 -31.70
C LEU A 943 -16.85 -7.75 -33.08
N HIS A 944 -15.63 -7.26 -33.26
CA HIS A 944 -15.14 -6.68 -34.52
C HIS A 944 -15.20 -7.70 -35.67
N PHE A 945 -14.69 -8.92 -35.42
CA PHE A 945 -14.85 -10.02 -36.38
C PHE A 945 -16.33 -10.22 -36.72
N LEU A 946 -17.13 -10.39 -35.67
CA LEU A 946 -18.58 -10.61 -35.78
C LEU A 946 -19.31 -9.65 -36.74
N ILE A 947 -18.85 -8.40 -36.82
CA ILE A 947 -19.47 -7.41 -37.71
C ILE A 947 -18.83 -7.39 -39.11
N LEU A 948 -18.09 -8.45 -39.45
CA LEU A 948 -17.59 -8.66 -40.80
C LEU A 948 -18.16 -9.93 -41.45
N TYR A 949 -18.34 -10.99 -40.65
CA TYR A 949 -18.73 -12.29 -41.16
C TYR A 949 -20.11 -12.72 -40.65
N VAL A 950 -21.09 -11.82 -40.74
CA VAL A 950 -22.50 -12.15 -40.46
C VAL A 950 -23.42 -11.37 -41.40
N ASP A 951 -23.74 -11.97 -42.55
CA ASP A 951 -24.46 -11.33 -43.68
C ASP A 951 -24.96 -9.88 -43.46
N PRO A 952 -26.07 -9.67 -42.71
CA PRO A 952 -26.57 -8.28 -42.63
C PRO A 952 -25.67 -7.34 -41.83
N LEU A 953 -24.97 -7.88 -40.84
CA LEU A 953 -24.16 -7.07 -39.91
C LEU A 953 -23.10 -6.13 -40.54
N PRO A 954 -22.25 -6.66 -41.45
CA PRO A 954 -21.32 -5.76 -42.14
C PRO A 954 -22.05 -4.75 -43.02
N MET A 955 -23.06 -5.22 -43.75
CA MET A 955 -23.92 -4.36 -44.56
C MET A 955 -24.40 -3.13 -43.77
N ILE A 956 -24.58 -3.31 -42.46
CA ILE A 956 -25.00 -2.23 -41.56
C ILE A 956 -23.93 -1.14 -41.43
N PHE A 957 -22.70 -1.55 -41.12
CA PHE A 957 -21.60 -0.60 -40.92
C PHE A 957 -20.90 -0.25 -42.24
N LYS A 958 -21.40 -0.81 -43.34
CA LYS A 958 -20.81 -0.65 -44.67
C LYS A 958 -19.37 -1.21 -44.71
N LEU A 959 -19.27 -2.52 -44.51
CA LEU A 959 -17.99 -3.24 -44.54
C LEU A 959 -18.09 -4.51 -45.38
N LYS A 960 -16.97 -5.24 -45.45
CA LYS A 960 -16.89 -6.51 -46.18
C LYS A 960 -15.90 -7.44 -45.49
N ALA A 961 -16.23 -8.72 -45.44
CA ALA A 961 -15.35 -9.75 -44.91
C ALA A 961 -14.07 -9.82 -45.72
N LEU A 962 -13.01 -10.34 -45.10
CA LEU A 962 -11.68 -10.35 -45.70
C LEU A 962 -11.15 -11.78 -45.77
N ASP A 963 -10.46 -12.09 -46.87
CA ASP A 963 -9.84 -13.40 -47.06
C ASP A 963 -8.64 -13.51 -46.13
N LEU A 964 -8.25 -14.74 -45.82
CA LEU A 964 -7.04 -14.99 -45.05
C LEU A 964 -5.93 -14.05 -45.53
N THR A 965 -5.68 -14.07 -46.83
CA THR A 965 -4.68 -13.21 -47.48
C THR A 965 -4.74 -11.73 -47.04
N GLN A 966 -5.94 -11.23 -46.71
CA GLN A 966 -6.12 -9.83 -46.33
C GLN A 966 -5.96 -9.54 -44.83
N TRP A 967 -6.35 -10.48 -43.99
CA TRP A 967 -6.11 -10.35 -42.54
C TRP A 967 -4.63 -10.55 -42.16
N LEU A 968 -3.76 -10.72 -43.16
CA LEU A 968 -2.32 -10.77 -42.94
C LEU A 968 -1.73 -9.36 -43.03
N MET A 969 -2.23 -8.57 -43.98
CA MET A 969 -1.85 -7.15 -44.11
C MET A 969 -2.17 -6.36 -42.83
N VAL A 970 -3.22 -6.76 -42.14
CA VAL A 970 -3.59 -6.16 -40.86
C VAL A 970 -2.46 -6.32 -39.84
N LEU A 971 -1.82 -7.48 -39.80
CA LEU A 971 -0.70 -7.76 -38.88
C LEU A 971 0.56 -6.95 -39.22
N LYS A 972 0.98 -6.99 -40.48
CA LYS A 972 2.18 -6.28 -40.91
C LYS A 972 2.10 -4.75 -40.69
N ILE A 973 0.88 -4.22 -40.68
CA ILE A 973 0.64 -2.80 -40.46
C ILE A 973 0.21 -2.44 -39.03
N SER A 974 -0.24 -3.43 -38.25
CA SER A 974 -0.68 -3.18 -36.87
C SER A 974 0.40 -3.48 -35.84
N LEU A 975 1.14 -4.56 -36.06
CA LEU A 975 2.24 -4.93 -35.17
C LEU A 975 3.21 -3.78 -34.88
N PRO A 976 3.55 -2.96 -35.89
CA PRO A 976 4.48 -1.84 -35.68
C PRO A 976 4.19 -0.88 -34.51
N VAL A 977 2.99 -0.89 -33.94
CA VAL A 977 2.71 -0.16 -32.69
C VAL A 977 3.49 -0.75 -31.51
N ILE A 978 3.83 -2.04 -31.62
CA ILE A 978 4.72 -2.69 -30.67
C ILE A 978 6.12 -2.11 -30.82
N GLY A 979 6.76 -2.39 -31.95
CA GLY A 979 8.12 -1.95 -32.21
C GLY A 979 8.31 -0.45 -32.04
N LEU A 980 7.31 0.32 -32.47
CA LEU A 980 7.33 1.76 -32.29
C LEU A 980 7.44 2.13 -30.81
N ASP A 981 6.44 1.74 -30.03
CA ASP A 981 6.39 2.07 -28.61
C ASP A 981 7.58 1.51 -27.86
N GLU A 982 7.90 0.26 -28.17
CA GLU A 982 8.99 -0.44 -27.50
C GLU A 982 10.32 0.33 -27.63
N ILE A 983 10.49 1.05 -28.74
CA ILE A 983 11.65 1.91 -28.95
C ILE A 983 11.60 3.12 -28.02
N LEU A 984 10.39 3.63 -27.77
CA LEU A 984 10.19 4.73 -26.82
C LEU A 984 10.72 4.36 -25.43
N LYS A 985 10.37 3.15 -24.97
CA LYS A 985 10.83 2.64 -23.68
C LYS A 985 12.36 2.69 -23.57
N PHE A 986 13.04 2.20 -24.60
CA PHE A 986 14.52 2.17 -24.67
C PHE A 986 15.19 3.53 -24.51
N ILE A 987 14.52 4.60 -24.93
CA ILE A 987 15.05 5.97 -24.81
C ILE A 987 14.84 6.53 -23.41
N ALA A 988 13.63 6.39 -22.88
CA ALA A 988 13.30 6.94 -21.56
C ALA A 988 14.05 6.18 -20.47
N ARG A 989 13.87 4.87 -20.46
CA ARG A 989 14.42 3.96 -19.44
C ARG A 989 15.95 4.04 -19.31
N ASN A 990 16.64 4.21 -20.43
CA ASN A 990 18.10 4.28 -20.43
C ASN A 990 18.62 5.72 -20.39
N TYR A 991 18.32 6.52 -21.42
CA TYR A 991 18.89 7.87 -21.51
C TYR A 991 18.24 8.90 -20.57
N LEU A 992 16.93 8.80 -20.36
CA LEU A 992 16.20 9.78 -19.53
C LEU A 992 16.08 9.39 -18.05
N GLU A 993 16.41 8.14 -17.71
CA GLU A 993 16.41 7.69 -16.31
C GLU A 993 17.49 6.64 -16.05
N GLY A 994 17.35 5.88 -14.96
CA GLY A 994 18.25 4.77 -14.66
C GLY A 994 19.41 5.21 -13.77
CA CA B . -14.45 8.10 -26.78
CA CA C . -9.67 4.73 -29.22
NA NA D . -0.85 14.85 8.92
#